data_4BST
#
_entry.id   4BST
#
_cell.length_a   131.100
_cell.length_b   131.100
_cell.length_c   531.970
_cell.angle_alpha   90.00
_cell.angle_beta   90.00
_cell.angle_gamma   120.00
#
_symmetry.space_group_name_H-M   'P 61 2 2'
#
loop_
_entity.id
_entity.type
_entity.pdbx_description
1 polymer 'LEUCINE-RICH REPEAT-CONTAINING G-PROTEIN COUPLED RECEPTOR 5'
2 polymer R-SPONDIN-1
3 branched beta-D-mannopyranose-(1-4)-2-acetamido-2-deoxy-beta-D-glucopyranose-(1-4)-2-acetamido-2-deoxy-beta-D-glucopyranose
4 non-polymer 2-acetamido-2-deoxy-beta-D-glucopyranose
#
loop_
_entity_poly.entity_id
_entity_poly.type
_entity_poly.pdbx_seq_one_letter_code
_entity_poly.pdbx_strand_id
1 'polypeptide(L)'
;HHHHHHENLYFQGSGSSPRSGVLLRGCPTHCHCEPDGRMLLRVDCSDLGLSELPSNLSVFTSYLDLSMNNISQLLPNPLP
SLRFLEELRLAGNALTYIPKGAFTGLYSLKVLMLQNNQLRHVPTEALQNLRSLQSLRLDANHISYVPPSCFSGLHSLRHL
WLDDNALTEIPVQAFRSLSALQAMTLALNKIHHIPDYAFGNLSSLVVLHLHNNRIHSLGKKCFDGLHSLETLDLNYNNLD
EFPTAIRTLSNLKELGFHSNNIRSIPEKAFVGNPSLITIHFYDNPIQFVGRSAFQHLPELRTLTLNGASQITEFPDLTGT
ANLESLTLTGAQISSLPQTVCNQLPNLQVLDLSYNLLEDLPSFSVCQKLQKIDLRHNEIYEIKVDTFQQLLSLRSLNLAW
NKIAIIHPNAFSTLPSLIKLDLSSNLLSSFPITGLHGLTHLKLTGNHALQSLISSENFPELKVIEMPYAYQCCAFGVCEN
AYKISNQWNKGDNSSMDDLHKKDAGMFQAQDERDLEDFLLDFEEDLKALHSVQCSPAAA
;
A,B
2 'polypeptide(L)'
;GSRISAEGSQACAKGCELCSEVNGCLKCSPKLFILLERNDIRQVGVCLPSCPPGYFDARNPDMNKCIKCKIEHCEACFSH
NFCTKCKEGLYLHKGRCYPACPEGSSAANGTMECSSPAAAHHHHHH
;
C,D
#
loop_
_chem_comp.id
_chem_comp.type
_chem_comp.name
_chem_comp.formula
BMA D-saccharide, beta linking beta-D-mannopyranose 'C6 H12 O6'
NAG D-saccharide, beta linking 2-acetamido-2-deoxy-beta-D-glucopyranose 'C8 H15 N O6'
#
# COMPACT_ATOMS: atom_id res chain seq x y z
N GLY A 26 -6.21 -16.04 66.34
CA GLY A 26 -6.70 -14.72 66.67
C GLY A 26 -6.54 -13.73 65.51
N CYS A 27 -7.45 -13.80 64.55
CA CYS A 27 -7.48 -12.86 63.44
C CYS A 27 -7.97 -11.50 63.90
N PRO A 28 -7.34 -10.42 63.43
CA PRO A 28 -7.75 -9.07 63.82
C PRO A 28 -9.16 -8.75 63.34
N THR A 29 -9.80 -7.79 63.98
CA THR A 29 -11.17 -7.41 63.62
C THR A 29 -11.26 -6.96 62.17
N HIS A 30 -12.42 -7.21 61.56
CA HIS A 30 -12.74 -6.73 60.21
C HIS A 30 -11.91 -7.39 59.10
N CYS A 31 -10.76 -7.96 59.46
CA CYS A 31 -9.91 -8.58 58.44
C CYS A 31 -10.44 -9.99 58.25
N HIS A 32 -9.95 -10.70 57.23
CA HIS A 32 -10.37 -12.07 57.04
C HIS A 32 -9.16 -13.00 57.07
N CYS A 33 -9.21 -13.97 57.97
CA CYS A 33 -8.05 -14.83 58.24
C CYS A 33 -8.28 -16.21 57.67
N GLU A 34 -7.18 -16.94 57.48
CA GLU A 34 -7.23 -18.30 57.01
C GLU A 34 -5.91 -19.00 57.31
N PRO A 35 -5.97 -20.30 57.58
CA PRO A 35 -4.74 -21.08 57.77
C PRO A 35 -4.05 -21.42 56.45
N ASP A 36 -2.74 -21.20 56.41
CA ASP A 36 -1.92 -21.44 55.23
C ASP A 36 -1.72 -22.94 54.99
N GLY A 37 -0.48 -23.40 55.12
CA GLY A 37 -0.18 -24.82 55.00
C GLY A 37 -0.50 -25.45 56.34
N ARG A 38 0.50 -26.07 56.96
CA ARG A 38 0.31 -26.59 58.31
C ARG A 38 0.14 -25.44 59.30
N MET A 39 -1.09 -25.26 59.75
CA MET A 39 -1.41 -24.48 60.95
C MET A 39 -1.01 -23.00 60.94
N LEU A 40 -0.25 -22.57 59.93
CA LEU A 40 0.14 -21.17 59.84
C LEU A 40 -1.07 -20.29 59.61
N LEU A 41 -0.95 -19.01 59.94
CA LEU A 41 -2.08 -18.10 59.77
C LEU A 41 -1.80 -17.03 58.72
N ARG A 42 -2.81 -16.76 57.92
CA ARG A 42 -2.77 -15.64 56.98
C ARG A 42 -3.74 -14.57 57.41
N VAL A 43 -3.19 -13.37 57.65
CA VAL A 43 -4.00 -12.22 57.96
C VAL A 43 -4.07 -11.29 56.75
N ASP A 44 -5.23 -11.23 56.12
CA ASP A 44 -5.44 -10.29 55.03
C ASP A 44 -6.20 -9.08 55.57
N CYS A 45 -5.53 -7.93 55.63
CA CYS A 45 -6.18 -6.67 56.00
C CYS A 45 -6.03 -5.62 54.93
N SER A 46 -6.50 -5.96 53.74
CA SER A 46 -6.42 -5.05 52.59
C SER A 46 -7.71 -4.24 52.42
N ASP A 47 -7.63 -3.14 51.68
CA ASP A 47 -8.79 -2.33 51.30
C ASP A 47 -9.67 -1.85 52.46
N LEU A 48 -9.10 -1.70 53.66
CA LEU A 48 -9.89 -1.30 54.81
C LEU A 48 -9.54 0.05 55.44
N GLY A 49 -8.39 0.62 55.08
CA GLY A 49 -8.04 1.93 55.58
C GLY A 49 -7.71 2.03 57.06
N LEU A 50 -6.74 1.25 57.54
CA LEU A 50 -6.35 1.34 58.95
C LEU A 50 -5.81 2.73 59.25
N SER A 51 -5.80 3.11 60.52
CA SER A 51 -5.07 4.31 60.94
C SER A 51 -3.66 3.86 61.26
N GLU A 52 -3.63 2.79 62.04
CA GLU A 52 -2.39 2.11 62.41
C GLU A 52 -2.69 0.64 62.27
N LEU A 53 -1.64 -0.16 62.35
CA LEU A 53 -1.77 -1.62 62.28
C LEU A 53 -2.62 -2.13 63.44
N PRO A 54 -3.11 -3.37 63.35
CA PRO A 54 -3.90 -3.82 64.50
C PRO A 54 -2.98 -3.97 65.73
N SER A 55 -3.50 -3.79 66.93
CA SER A 55 -2.65 -3.90 68.12
C SER A 55 -2.37 -5.35 68.45
N ASN A 56 -3.42 -6.08 68.82
CA ASN A 56 -3.24 -7.44 69.30
C ASN A 56 -3.23 -8.40 68.14
N LEU A 57 -2.04 -8.78 67.70
CA LEU A 57 -1.96 -9.64 66.54
C LEU A 57 -1.61 -11.05 66.90
N SER A 58 -2.22 -11.95 66.14
CA SER A 58 -1.83 -13.32 66.26
C SER A 58 -0.48 -13.32 65.59
N VAL A 59 0.50 -13.87 66.28
CA VAL A 59 1.68 -14.34 65.61
C VAL A 59 1.12 -15.69 65.04
N PHE A 60 1.92 -16.68 64.68
CA PHE A 60 1.50 -17.82 63.84
C PHE A 60 1.47 -17.35 62.38
N THR A 61 1.72 -16.06 62.14
CA THR A 61 1.39 -15.47 60.85
C THR A 61 2.47 -15.70 59.80
N SER A 62 2.05 -16.20 58.64
CA SER A 62 2.99 -16.64 57.61
C SER A 62 3.01 -15.72 56.38
N TYR A 63 1.91 -15.02 56.11
CA TYR A 63 1.99 -13.88 55.22
C TYR A 63 0.94 -12.83 55.62
N LEU A 64 1.25 -11.57 55.36
CA LEU A 64 0.47 -10.45 55.91
C LEU A 64 0.35 -9.26 54.97
N ASP A 65 -0.88 -8.95 54.55
CA ASP A 65 -1.11 -7.86 53.61
C ASP A 65 -1.86 -6.66 54.18
N LEU A 66 -1.21 -5.51 54.10
CA LEU A 66 -1.86 -4.24 54.35
C LEU A 66 -1.64 -3.35 53.13
N SER A 67 -2.65 -3.27 52.26
CA SER A 67 -2.53 -2.50 51.04
C SER A 67 -3.62 -1.43 50.97
N MET A 68 -3.23 -0.24 50.51
CA MET A 68 -4.12 0.91 50.38
C MET A 68 -4.82 1.27 51.69
N ASN A 69 -4.06 1.56 52.75
CA ASN A 69 -4.70 1.77 54.05
C ASN A 69 -4.20 2.92 54.93
N ASN A 70 -3.73 4.01 54.33
CA ASN A 70 -3.40 5.24 55.08
C ASN A 70 -2.56 4.98 56.32
N ILE A 71 -1.44 4.27 56.15
CA ILE A 71 -0.56 3.99 57.28
C ILE A 71 0.57 4.99 57.27
N SER A 72 0.49 5.98 58.16
CA SER A 72 1.43 7.08 58.16
C SER A 72 2.77 6.65 58.72
N GLN A 73 2.75 6.25 59.98
CA GLN A 73 3.99 5.89 60.62
C GLN A 73 3.92 4.48 61.11
N LEU A 74 4.95 3.71 60.80
CA LEU A 74 5.09 2.44 61.45
C LEU A 74 6.40 2.55 62.23
N LEU A 75 6.35 2.94 63.50
CA LEU A 75 5.18 3.42 64.29
C LEU A 75 5.60 3.81 65.74
N PRO A 76 4.64 4.00 66.65
CA PRO A 76 4.93 3.79 68.09
C PRO A 76 5.22 2.38 68.63
N ASN A 77 4.62 1.35 68.06
CA ASN A 77 4.70 0.01 68.64
C ASN A 77 4.91 -1.18 67.66
N PRO A 78 6.16 -1.51 67.32
CA PRO A 78 6.14 -2.47 66.20
C PRO A 78 5.78 -3.87 66.61
N LEU A 79 5.60 -4.75 65.64
CA LEU A 79 5.34 -6.12 66.03
C LEU A 79 6.25 -7.06 65.24
N PRO A 80 7.51 -7.19 65.69
CA PRO A 80 8.42 -8.26 65.28
C PRO A 80 8.06 -9.52 66.04
N SER A 81 9.01 -10.44 66.17
CA SER A 81 8.84 -11.61 67.03
C SER A 81 7.78 -12.55 66.50
N LEU A 82 7.30 -12.27 65.30
CA LEU A 82 6.38 -13.19 64.65
C LEU A 82 7.12 -14.10 63.70
N ARG A 83 8.45 -14.08 63.88
CA ARG A 83 9.44 -14.95 63.21
C ARG A 83 9.10 -15.66 61.88
N PHE A 84 7.84 -15.67 61.46
CA PHE A 84 7.46 -16.53 60.34
C PHE A 84 6.83 -15.94 59.09
N LEU A 85 6.37 -14.68 59.07
CA LEU A 85 5.71 -14.26 57.84
C LEU A 85 6.68 -14.26 56.65
N GLU A 86 6.27 -15.03 55.65
CA GLU A 86 6.98 -15.22 54.42
C GLU A 86 6.98 -13.89 53.69
N GLU A 87 5.88 -13.18 53.86
CA GLU A 87 5.52 -12.09 52.98
C GLU A 87 4.78 -10.98 53.71
N LEU A 88 5.37 -9.79 53.71
CA LEU A 88 4.66 -8.60 54.15
C LEU A 88 4.31 -7.75 52.94
N ARG A 89 3.07 -7.30 52.87
CA ARG A 89 2.66 -6.40 51.81
C ARG A 89 2.28 -5.04 52.40
N LEU A 90 3.00 -4.01 51.98
CA LEU A 90 2.83 -2.68 52.55
C LEU A 90 2.65 -1.62 51.47
N ALA A 91 1.93 -1.98 50.41
CA ALA A 91 1.77 -1.12 49.24
C ALA A 91 0.61 -0.12 49.36
N GLY A 92 0.72 0.99 48.65
CA GLY A 92 -0.35 1.96 48.55
C GLY A 92 -0.65 2.71 49.82
N ASN A 93 0.34 2.76 50.71
CA ASN A 93 0.16 3.36 52.02
C ASN A 93 1.02 4.61 52.18
N ALA A 94 0.72 5.42 53.18
CA ALA A 94 1.39 6.70 53.31
C ALA A 94 2.54 6.72 54.32
N LEU A 95 3.60 5.96 54.09
CA LEU A 95 4.79 6.14 54.92
C LEU A 95 5.83 7.01 54.21
N THR A 96 6.71 7.60 55.02
CA THR A 96 7.70 8.56 54.53
C THR A 96 9.12 8.09 54.79
N TYR A 97 9.28 7.29 55.83
CA TYR A 97 10.61 6.82 56.20
C TYR A 97 10.45 5.65 57.13
N ILE A 98 11.19 4.58 56.82
CA ILE A 98 11.13 3.37 57.61
C ILE A 98 12.28 3.36 58.61
N PRO A 99 11.94 3.28 59.90
CA PRO A 99 12.93 3.22 60.97
C PRO A 99 13.77 1.95 60.88
N LYS A 100 14.81 1.85 61.71
CA LYS A 100 15.85 0.85 61.49
C LYS A 100 15.43 -0.53 62.01
N GLY A 101 15.00 -0.58 63.26
CA GLY A 101 14.61 -1.84 63.89
C GLY A 101 13.26 -2.40 63.50
N ALA A 102 12.55 -1.73 62.59
CA ALA A 102 11.16 -2.07 62.27
C ALA A 102 10.96 -3.50 61.79
N PHE A 103 11.92 -4.02 61.04
CA PHE A 103 11.76 -5.35 60.44
C PHE A 103 12.75 -6.37 61.01
N THR A 104 13.22 -6.13 62.23
CA THR A 104 14.27 -6.96 62.84
C THR A 104 13.84 -8.40 63.17
N GLY A 105 12.75 -8.56 63.91
CA GLY A 105 12.30 -9.88 64.33
C GLY A 105 11.89 -10.75 63.15
N LEU A 106 12.14 -10.22 61.95
CA LEU A 106 11.69 -10.81 60.72
C LEU A 106 12.64 -11.88 60.20
N TYR A 107 12.62 -13.03 60.87
CA TYR A 107 13.55 -14.10 60.56
C TYR A 107 13.15 -14.88 59.30
N SER A 108 11.92 -14.67 58.83
CA SER A 108 11.43 -15.42 57.68
C SER A 108 10.88 -14.56 56.53
N LEU A 109 11.12 -13.26 56.56
CA LEU A 109 10.68 -12.42 55.45
C LEU A 109 11.36 -12.85 54.17
N LYS A 110 10.56 -13.17 53.16
CA LYS A 110 11.09 -13.61 51.89
C LYS A 110 10.73 -12.59 50.81
N VAL A 111 9.51 -12.06 50.91
CA VAL A 111 9.07 -11.03 49.97
C VAL A 111 8.43 -9.85 50.70
N LEU A 112 9.03 -8.68 50.52
CA LEU A 112 8.54 -7.45 51.10
C LEU A 112 8.20 -6.47 50.01
N MET A 113 6.94 -6.03 49.95
CA MET A 113 6.56 -5.09 48.91
C MET A 113 6.24 -3.73 49.54
N LEU A 114 6.85 -2.69 49.00
CA LEU A 114 6.70 -1.35 49.52
C LEU A 114 6.36 -0.37 48.40
N GLN A 115 5.44 -0.78 47.53
CA GLN A 115 5.07 0.02 46.38
C GLN A 115 3.96 1.02 46.67
N ASN A 116 3.73 1.91 45.71
CA ASN A 116 2.73 2.99 45.81
C ASN A 116 2.90 3.75 47.11
N ASN A 117 4.14 4.04 47.47
CA ASN A 117 4.39 4.80 48.68
C ASN A 117 5.11 6.10 48.33
N GLN A 118 5.11 7.05 49.26
CA GLN A 118 5.77 8.32 49.00
C GLN A 118 7.10 8.37 49.73
N LEU A 119 8.01 7.49 49.33
CA LEU A 119 9.40 7.49 49.79
C LEU A 119 10.32 8.40 49.00
N ARG A 120 11.26 9.05 49.68
CA ARG A 120 12.21 9.94 49.01
C ARG A 120 13.57 9.29 48.89
N HIS A 121 13.81 8.27 49.71
CA HIS A 121 15.02 7.47 49.64
C HIS A 121 14.78 6.07 50.16
N VAL A 122 15.50 5.10 49.60
CA VAL A 122 15.52 3.75 50.14
C VAL A 122 15.95 3.81 51.60
N PRO A 123 15.20 3.15 52.49
CA PRO A 123 15.48 3.11 53.93
C PRO A 123 16.98 2.91 54.17
N THR A 124 17.56 3.82 54.95
CA THR A 124 18.99 3.86 55.24
C THR A 124 19.58 2.52 55.58
N GLU A 125 18.99 1.87 56.57
CA GLU A 125 19.51 0.63 57.09
C GLU A 125 18.40 -0.39 57.24
N ALA A 126 17.17 0.11 57.36
CA ALA A 126 16.00 -0.71 57.71
C ALA A 126 15.91 -2.04 56.96
N LEU A 127 16.33 -2.06 55.71
CA LEU A 127 16.23 -3.26 54.89
C LEU A 127 17.50 -4.09 54.92
N GLN A 128 18.27 -3.99 56.00
CA GLN A 128 19.56 -4.68 56.05
C GLN A 128 19.48 -5.98 56.87
N ASN A 129 20.30 -6.94 56.43
CA ASN A 129 20.42 -8.29 57.01
C ASN A 129 19.08 -8.99 57.29
N LEU A 130 18.07 -8.67 56.49
CA LEU A 130 16.85 -9.45 56.48
C LEU A 130 17.11 -10.66 55.59
N ARG A 131 17.59 -11.73 56.24
CA ARG A 131 18.20 -12.88 55.58
C ARG A 131 17.48 -13.45 54.36
N SER A 132 16.24 -13.90 54.56
CA SER A 132 15.56 -14.78 53.64
C SER A 132 14.85 -13.99 52.56
N LEU A 133 15.02 -12.67 52.61
CA LEU A 133 14.29 -11.80 51.70
C LEU A 133 14.76 -12.10 50.28
N GLN A 134 13.83 -12.42 49.41
CA GLN A 134 14.16 -12.84 48.05
C GLN A 134 13.75 -11.80 47.02
N SER A 135 12.61 -11.17 47.25
CA SER A 135 12.08 -10.17 46.33
C SER A 135 11.69 -8.90 47.07
N LEU A 136 12.22 -7.79 46.62
CA LEU A 136 11.95 -6.51 47.26
C LEU A 136 11.34 -5.53 46.26
N ARG A 137 10.15 -5.04 46.57
CA ARG A 137 9.43 -4.16 45.65
C ARG A 137 9.45 -2.73 46.15
N LEU A 138 10.32 -1.91 45.56
CA LEU A 138 10.44 -0.52 45.97
C LEU A 138 10.10 0.42 44.83
N ASP A 139 9.05 0.07 44.10
CA ASP A 139 8.57 0.89 43.00
C ASP A 139 7.40 1.78 43.43
N ALA A 140 6.96 2.64 42.52
CA ALA A 140 5.83 3.54 42.75
C ALA A 140 6.06 4.48 43.93
N ASN A 141 7.32 4.80 44.16
CA ASN A 141 7.69 5.80 45.15
C ASN A 141 8.22 7.07 44.49
N HIS A 142 8.85 7.93 45.28
CA HIS A 142 9.52 9.11 44.75
C HIS A 142 10.96 9.14 45.22
N ILE A 143 11.60 7.98 45.22
CA ILE A 143 12.97 7.87 45.70
C ILE A 143 13.93 8.37 44.63
N SER A 144 14.94 9.10 45.07
CA SER A 144 15.93 9.72 44.20
C SER A 144 17.29 9.32 44.71
N TYR A 145 17.33 9.00 46.00
CA TYR A 145 18.59 8.69 46.67
C TYR A 145 18.54 7.32 47.33
N VAL A 146 19.58 6.53 47.09
CA VAL A 146 19.76 5.25 47.74
C VAL A 146 21.07 5.27 48.53
N PRO A 147 21.00 5.05 49.84
CA PRO A 147 22.25 5.10 50.61
C PRO A 147 23.12 3.92 50.24
N PRO A 148 24.44 4.11 50.23
CA PRO A 148 25.34 2.98 50.00
C PRO A 148 25.22 2.00 51.16
N SER A 149 25.24 0.71 50.86
CA SER A 149 25.10 -0.34 51.88
C SER A 149 23.75 -0.29 52.60
N CYS A 150 22.71 0.10 51.88
CA CYS A 150 21.34 -0.06 52.38
C CYS A 150 20.93 -1.50 52.16
N PHE A 151 21.41 -2.06 51.07
CA PHE A 151 21.12 -3.44 50.68
C PHE A 151 22.18 -4.39 51.25
N SER A 152 22.78 -3.98 52.36
CA SER A 152 23.81 -4.78 53.02
C SER A 152 23.22 -6.02 53.69
N GLY A 153 23.74 -7.19 53.32
CA GLY A 153 23.36 -8.42 53.98
C GLY A 153 22.06 -9.04 53.48
N LEU A 154 21.66 -8.67 52.27
CA LEU A 154 20.50 -9.29 51.64
C LEU A 154 20.94 -10.33 50.63
N HIS A 155 21.54 -11.42 51.12
CA HIS A 155 22.17 -12.40 50.26
C HIS A 155 21.19 -13.37 49.61
N SER A 156 19.89 -13.18 49.86
CA SER A 156 18.88 -14.04 49.26
C SER A 156 18.06 -13.26 48.26
N LEU A 157 18.26 -11.95 48.20
CA LEU A 157 17.52 -11.09 47.30
C LEU A 157 17.77 -11.48 45.84
N ARG A 158 16.72 -11.92 45.16
CA ARG A 158 16.82 -12.33 43.78
C ARG A 158 16.09 -11.36 42.87
N HIS A 159 15.12 -10.66 43.43
CA HIS A 159 14.25 -9.79 42.65
C HIS A 159 14.18 -8.38 43.21
N LEU A 160 14.43 -7.37 42.37
CA LEU A 160 14.38 -5.99 42.83
C LEU A 160 13.61 -5.07 41.88
N TRP A 161 12.57 -4.44 42.42
CA TRP A 161 11.81 -3.40 41.72
C TRP A 161 12.33 -2.04 42.16
N LEU A 162 12.64 -1.17 41.19
CA LEU A 162 13.02 0.21 41.52
C LEU A 162 12.57 1.21 40.45
N ASP A 163 11.37 1.01 39.91
CA ASP A 163 10.86 1.86 38.83
C ASP A 163 9.98 3.02 39.30
N ASP A 164 9.53 3.83 38.33
CA ASP A 164 8.69 5.04 38.49
C ASP A 164 9.03 5.86 39.73
N ASN A 165 10.34 6.03 39.91
CA ASN A 165 10.91 6.78 41.00
C ASN A 165 11.70 7.92 40.39
N ALA A 166 12.31 8.76 41.21
CA ALA A 166 12.97 9.95 40.68
C ALA A 166 14.48 9.83 40.74
N LEU A 167 15.00 8.68 40.34
CA LEU A 167 16.43 8.43 40.32
C LEU A 167 17.16 9.35 39.33
N THR A 168 18.46 9.52 39.54
CA THR A 168 19.28 10.39 38.70
C THR A 168 20.47 9.67 38.07
N GLU A 169 21.04 8.72 38.80
CA GLU A 169 22.18 7.93 38.32
C GLU A 169 22.04 6.46 38.67
N ILE A 170 22.87 5.62 38.04
CA ILE A 170 23.03 4.26 38.49
C ILE A 170 23.86 4.27 39.77
N PRO A 171 23.25 3.86 40.88
CA PRO A 171 23.92 3.89 42.19
C PRO A 171 24.84 2.73 42.41
N VAL A 172 25.92 2.65 41.64
CA VAL A 172 26.78 1.47 41.60
C VAL A 172 27.22 0.98 43.00
N GLN A 173 27.56 1.91 43.89
CA GLN A 173 28.05 1.57 45.22
C GLN A 173 27.14 0.60 45.98
N ALA A 174 25.94 1.06 46.32
CA ALA A 174 24.96 0.24 47.04
C ALA A 174 24.67 -1.08 46.31
N PHE A 175 24.95 -1.11 45.01
CA PHE A 175 24.62 -2.25 44.15
C PHE A 175 25.53 -3.47 44.28
N ARG A 176 26.79 -3.24 44.62
CA ARG A 176 27.81 -4.29 44.57
C ARG A 176 27.45 -5.48 45.44
N SER A 177 27.00 -5.20 46.66
CA SER A 177 26.68 -6.24 47.63
C SER A 177 25.51 -7.14 47.18
N LEU A 178 24.82 -6.72 46.12
CA LEU A 178 23.73 -7.49 45.55
C LEU A 178 24.21 -8.48 44.50
N SER A 179 25.03 -9.44 44.90
CA SER A 179 25.62 -10.39 43.95
C SER A 179 24.74 -11.63 43.74
N ALA A 180 23.58 -11.66 44.39
CA ALA A 180 22.65 -12.77 44.22
C ALA A 180 21.45 -12.33 43.38
N LEU A 181 21.40 -11.04 43.07
CA LEU A 181 20.31 -10.47 42.29
C LEU A 181 20.26 -11.04 40.88
N GLN A 182 19.06 -11.43 40.44
CA GLN A 182 18.88 -12.01 39.10
C GLN A 182 17.93 -11.20 38.23
N ALA A 183 17.01 -10.49 38.87
CA ALA A 183 15.99 -9.74 38.14
C ALA A 183 15.81 -8.34 38.70
N MET A 184 15.98 -7.33 37.85
CA MET A 184 15.95 -5.97 38.32
C MET A 184 15.30 -4.97 37.35
N THR A 185 14.70 -3.92 37.91
CA THR A 185 14.01 -2.88 37.14
C THR A 185 14.34 -1.46 37.58
N LEU A 186 15.03 -0.72 36.72
CA LEU A 186 15.23 0.70 36.91
C LEU A 186 14.52 1.45 35.81
N ALA A 187 13.45 0.86 35.31
CA ALA A 187 12.70 1.49 34.25
C ALA A 187 12.01 2.74 34.78
N LEU A 188 11.79 3.71 33.90
CA LEU A 188 11.05 4.91 34.22
C LEU A 188 11.54 5.58 35.52
N ASN A 189 12.75 6.11 35.43
CA ASN A 189 13.28 7.03 36.42
C ASN A 189 13.74 8.23 35.62
N LYS A 190 14.75 8.94 36.10
CA LYS A 190 15.37 9.97 35.29
C LYS A 190 16.88 9.88 35.45
N ILE A 191 17.40 8.70 35.14
CA ILE A 191 18.83 8.47 35.03
C ILE A 191 19.24 8.84 33.61
N HIS A 192 20.43 9.43 33.47
CA HIS A 192 20.87 9.93 32.17
C HIS A 192 22.05 9.16 31.62
N HIS A 193 22.88 8.65 32.52
CA HIS A 193 24.12 8.03 32.12
C HIS A 193 24.38 6.75 32.88
N ILE A 194 24.92 5.76 32.18
CA ILE A 194 25.29 4.52 32.81
C ILE A 194 26.79 4.57 32.97
N PRO A 195 27.25 4.72 34.23
CA PRO A 195 28.69 4.84 34.45
C PRO A 195 29.43 3.57 34.09
N ASP A 196 30.75 3.67 34.11
CA ASP A 196 31.63 2.55 33.84
C ASP A 196 31.50 1.57 35.00
N TYR A 197 31.42 0.28 34.69
CA TYR A 197 31.27 -0.79 35.68
C TYR A 197 30.02 -0.67 36.55
N ALA A 198 29.07 0.18 36.17
CA ALA A 198 27.97 0.60 37.04
C ALA A 198 27.24 -0.57 37.72
N PHE A 199 27.45 -1.76 37.20
CA PHE A 199 26.84 -2.97 37.71
C PHE A 199 27.91 -4.02 38.00
N GLY A 200 28.92 -3.60 38.78
CA GLY A 200 30.15 -4.37 38.98
C GLY A 200 30.10 -5.87 39.25
N ASN A 201 29.71 -6.30 40.45
CA ASN A 201 29.78 -7.73 40.74
C ASN A 201 28.58 -8.47 40.19
N LEU A 202 27.41 -7.83 40.31
CA LEU A 202 26.10 -8.49 40.14
C LEU A 202 26.00 -9.39 38.89
N SER A 203 26.93 -10.33 38.78
CA SER A 203 27.04 -11.22 37.64
C SER A 203 25.89 -12.21 37.60
N SER A 204 25.15 -12.31 38.70
CA SER A 204 24.03 -13.25 38.77
C SER A 204 22.82 -12.67 38.04
N LEU A 205 22.86 -11.36 37.76
CA LEU A 205 21.75 -10.67 37.11
C LEU A 205 21.44 -11.25 35.73
N VAL A 206 20.16 -11.57 35.52
CA VAL A 206 19.71 -12.18 34.26
C VAL A 206 18.82 -11.23 33.44
N VAL A 207 18.07 -10.36 34.13
CA VAL A 207 17.16 -9.43 33.47
C VAL A 207 17.48 -8.01 33.94
N LEU A 208 17.77 -7.12 32.99
CA LEU A 208 18.01 -5.72 33.32
C LEU A 208 16.99 -4.82 32.62
N HIS A 209 16.37 -3.93 33.39
CA HIS A 209 15.33 -3.03 32.91
C HIS A 209 15.68 -1.55 33.08
N LEU A 210 15.81 -0.84 31.97
CA LEU A 210 16.17 0.57 32.00
C LEU A 210 15.32 1.37 31.01
N HIS A 211 14.17 0.81 30.63
CA HIS A 211 13.36 1.41 29.59
C HIS A 211 12.66 2.66 30.07
N ASN A 212 11.89 3.30 29.18
CA ASN A 212 11.20 4.59 29.38
C ASN A 212 11.95 5.54 30.30
N ASN A 213 13.23 5.69 30.03
CA ASN A 213 14.07 6.60 30.78
C ASN A 213 14.70 7.65 29.90
N ARG A 214 15.70 8.35 30.42
CA ARG A 214 16.34 9.38 29.64
C ARG A 214 17.84 9.14 29.52
N ILE A 215 18.21 7.99 28.99
CA ILE A 215 19.61 7.63 28.86
C ILE A 215 20.17 8.29 27.63
N HIS A 216 21.15 9.15 27.82
CA HIS A 216 21.73 9.86 26.70
C HIS A 216 23.10 9.24 26.41
N SER A 217 23.82 8.86 27.46
CA SER A 217 25.18 8.35 27.30
C SER A 217 25.49 7.16 28.21
N LEU A 218 26.32 6.26 27.71
CA LEU A 218 26.82 5.16 28.52
C LEU A 218 28.32 5.00 28.30
N GLY A 219 29.00 4.36 29.25
CA GLY A 219 30.43 4.17 29.15
C GLY A 219 30.75 3.04 28.20
N LYS A 220 32.01 2.93 27.81
CA LYS A 220 32.41 1.85 26.92
C LYS A 220 32.38 0.54 27.69
N LYS A 221 32.70 0.61 28.98
CA LYS A 221 32.68 -0.56 29.85
C LYS A 221 31.71 -0.40 31.00
N CYS A 222 30.43 -0.28 30.69
CA CYS A 222 29.39 -0.28 31.71
C CYS A 222 28.94 -1.71 32.03
N PHE A 223 28.46 -2.42 31.02
CA PHE A 223 27.79 -3.71 31.21
C PHE A 223 28.67 -4.93 31.48
N ASP A 224 29.98 -4.75 31.58
CA ASP A 224 30.88 -5.90 31.62
C ASP A 224 30.82 -6.67 32.94
N GLY A 225 30.20 -6.07 33.95
CA GLY A 225 29.98 -6.72 35.22
C GLY A 225 29.21 -8.03 35.10
N LEU A 226 27.94 -7.93 34.73
CA LEU A 226 27.05 -9.09 34.68
C LEU A 226 27.42 -10.08 33.58
N HIS A 227 27.84 -11.26 33.99
CA HIS A 227 28.21 -12.32 33.06
C HIS A 227 27.01 -13.20 32.70
N SER A 228 25.90 -13.03 33.41
CA SER A 228 24.74 -13.89 33.21
C SER A 228 23.52 -13.19 32.61
N LEU A 229 23.71 -11.96 32.14
CA LEU A 229 22.58 -11.21 31.59
C LEU A 229 22.07 -11.87 30.31
N GLU A 230 20.74 -11.98 30.20
CA GLU A 230 20.13 -12.60 29.03
C GLU A 230 19.16 -11.67 28.35
N THR A 231 18.64 -10.73 29.12
CA THR A 231 17.72 -9.72 28.60
C THR A 231 18.16 -8.30 29.00
N LEU A 232 17.97 -7.34 28.10
CA LEU A 232 18.35 -5.95 28.37
C LEU A 232 17.27 -5.04 27.81
N ASP A 233 16.85 -4.06 28.59
CA ASP A 233 15.81 -3.15 28.13
C ASP A 233 16.29 -1.70 28.17
N LEU A 234 16.52 -1.14 26.99
CA LEU A 234 16.93 0.24 26.85
C LEU A 234 15.88 1.02 26.07
N ASN A 235 14.71 0.42 25.89
CA ASN A 235 13.65 1.01 25.09
C ASN A 235 13.21 2.37 25.63
N TYR A 236 12.60 3.16 24.75
CA TYR A 236 12.10 4.50 25.09
C TYR A 236 13.16 5.32 25.83
N ASN A 237 14.26 5.62 25.15
CA ASN A 237 15.31 6.39 25.79
C ASN A 237 15.87 7.43 24.83
N ASN A 238 16.91 8.12 25.27
CA ASN A 238 17.44 9.24 24.49
C ASN A 238 18.86 8.97 24.02
N LEU A 239 19.10 7.75 23.56
CA LEU A 239 20.42 7.40 23.05
C LEU A 239 20.62 8.03 21.68
N ASP A 240 21.79 8.61 21.48
CA ASP A 240 22.14 9.24 20.20
C ASP A 240 22.98 8.27 19.38
N GLU A 241 23.81 7.50 20.09
CA GLU A 241 24.74 6.59 19.44
C GLU A 241 24.44 5.14 19.82
N PHE A 242 24.88 4.21 18.98
CA PHE A 242 24.68 2.79 19.23
C PHE A 242 25.50 2.39 20.45
N PRO A 243 24.86 1.69 21.40
CA PRO A 243 25.57 1.25 22.62
C PRO A 243 26.56 0.12 22.31
N THR A 244 27.83 0.46 22.23
CA THR A 244 28.87 -0.53 21.91
C THR A 244 29.21 -1.40 23.11
N ALA A 245 28.73 -1.02 24.28
CA ALA A 245 28.96 -1.78 25.50
C ALA A 245 28.27 -3.14 25.49
N ILE A 246 27.28 -3.29 24.61
CA ILE A 246 26.57 -4.56 24.45
C ILE A 246 27.51 -5.72 24.10
N ARG A 247 28.63 -5.41 23.46
CA ARG A 247 29.56 -6.40 22.92
C ARG A 247 30.03 -7.44 23.93
N THR A 248 30.16 -7.06 25.19
CA THR A 248 30.73 -7.93 26.22
C THR A 248 29.71 -8.95 26.72
N LEU A 249 28.45 -8.75 26.35
CA LEU A 249 27.35 -9.53 26.88
C LEU A 249 27.04 -10.77 26.04
N SER A 250 27.87 -11.80 26.19
CA SER A 250 27.72 -13.04 25.42
C SER A 250 26.36 -13.72 25.56
N ASN A 251 25.92 -13.92 26.80
CA ASN A 251 24.72 -14.69 27.08
C ASN A 251 23.40 -13.99 26.77
N LEU A 252 23.48 -12.75 26.27
CA LEU A 252 22.29 -11.96 25.97
C LEU A 252 21.40 -12.62 24.91
N LYS A 253 20.09 -12.66 25.18
CA LYS A 253 19.14 -13.34 24.30
C LYS A 253 18.13 -12.37 23.67
N GLU A 254 17.56 -11.50 24.49
CA GLU A 254 16.72 -10.40 24.03
C GLU A 254 17.39 -9.05 24.25
N LEU A 255 17.17 -8.13 23.32
CA LEU A 255 17.66 -6.77 23.48
C LEU A 255 16.67 -5.79 22.88
N GLY A 256 16.38 -4.73 23.62
CA GLY A 256 15.48 -3.71 23.16
C GLY A 256 16.05 -2.33 23.39
N PHE A 257 16.19 -1.57 22.32
CA PHE A 257 16.57 -0.18 22.40
C PHE A 257 15.77 0.65 21.41
N HIS A 258 14.47 0.37 21.32
CA HIS A 258 13.62 1.07 20.36
C HIS A 258 13.19 2.41 20.92
N SER A 259 12.58 3.22 20.05
CA SER A 259 12.11 4.56 20.41
C SER A 259 13.20 5.44 21.03
N ASN A 260 14.42 5.35 20.50
CA ASN A 260 15.49 6.23 20.93
C ASN A 260 15.73 7.26 19.84
N ASN A 261 16.94 7.82 19.80
CA ASN A 261 17.30 8.75 18.73
C ASN A 261 18.65 8.33 18.16
N ILE A 262 18.77 7.03 17.83
CA ILE A 262 19.95 6.47 17.17
C ILE A 262 19.82 6.62 15.65
N ARG A 263 20.95 6.85 14.98
CA ARG A 263 20.97 7.11 13.55
C ARG A 263 21.45 5.90 12.74
N SER A 264 22.36 5.11 13.31
CA SER A 264 22.94 4.01 12.55
C SER A 264 23.46 2.85 13.39
N ILE A 265 23.38 1.65 12.81
CA ILE A 265 24.02 0.45 13.36
C ILE A 265 25.36 0.24 12.66
N PRO A 266 26.45 0.24 13.45
CA PRO A 266 27.80 0.08 12.88
C PRO A 266 28.13 -1.36 12.50
N GLU A 267 29.21 -1.53 11.74
CA GLU A 267 29.71 -2.85 11.36
C GLU A 267 30.09 -3.64 12.60
N LYS A 268 29.80 -4.95 12.56
CA LYS A 268 30.05 -5.84 13.69
C LYS A 268 29.42 -5.30 14.97
N ALA A 269 28.11 -5.12 14.94
CA ALA A 269 27.40 -4.57 16.09
C ALA A 269 27.09 -5.68 17.07
N PHE A 270 26.53 -6.77 16.55
CA PHE A 270 26.12 -7.89 17.38
C PHE A 270 27.08 -9.06 17.31
N VAL A 271 28.35 -8.75 17.06
CA VAL A 271 29.39 -9.76 17.03
C VAL A 271 29.55 -10.43 18.40
N GLY A 272 29.48 -9.63 19.46
CA GLY A 272 29.75 -10.12 20.80
C GLY A 272 28.62 -10.84 21.51
N ASN A 273 27.44 -10.89 20.89
CA ASN A 273 26.31 -11.56 21.53
C ASN A 273 25.62 -12.59 20.63
N PRO A 274 26.28 -13.74 20.40
CA PRO A 274 25.58 -14.82 19.71
C PRO A 274 24.45 -15.36 20.58
N SER A 275 23.64 -16.25 20.03
CA SER A 275 22.46 -16.78 20.72
C SER A 275 21.48 -15.65 21.06
N LEU A 276 21.55 -14.55 20.32
CA LEU A 276 20.51 -13.53 20.35
C LEU A 276 19.30 -14.06 19.58
N ILE A 277 18.13 -13.95 20.20
CA ILE A 277 16.91 -14.46 19.56
C ILE A 277 16.03 -13.33 19.04
N THR A 278 15.81 -12.29 19.84
CA THR A 278 14.97 -11.17 19.42
C THR A 278 15.73 -9.86 19.55
N ILE A 279 15.52 -8.96 18.59
CA ILE A 279 16.14 -7.63 18.66
C ILE A 279 15.09 -6.56 18.40
N HIS A 280 15.13 -5.46 19.15
CA HIS A 280 14.11 -4.43 19.03
C HIS A 280 14.75 -3.05 18.84
N PHE A 281 14.47 -2.38 17.74
CA PHE A 281 15.06 -1.06 17.49
C PHE A 281 14.17 -0.13 16.66
N TYR A 282 12.88 -0.43 16.58
CA TYR A 282 11.97 0.37 15.77
C TYR A 282 11.75 1.77 16.36
N ASP A 283 11.07 2.63 15.60
CA ASP A 283 10.85 4.02 15.98
C ASP A 283 12.16 4.76 16.21
N ASN A 284 13.23 4.26 15.60
CA ASN A 284 14.52 4.93 15.62
C ASN A 284 14.89 5.50 14.27
N PRO A 285 15.36 6.75 14.24
CA PRO A 285 15.73 7.39 12.97
C PRO A 285 16.97 6.75 12.37
N ILE A 286 16.85 5.48 12.00
CA ILE A 286 17.95 4.74 11.40
C ILE A 286 18.08 5.07 9.93
N GLN A 287 19.31 5.33 9.50
CA GLN A 287 19.56 5.68 8.11
C GLN A 287 20.49 4.64 7.46
N PHE A 288 21.56 4.30 8.16
CA PHE A 288 22.50 3.30 7.64
C PHE A 288 22.69 2.11 8.58
N VAL A 289 22.82 0.92 7.98
CA VAL A 289 23.18 -0.28 8.71
C VAL A 289 24.36 -0.94 8.00
N GLY A 290 25.32 -1.42 8.77
CA GLY A 290 26.47 -2.11 8.21
C GLY A 290 26.08 -3.35 7.45
N ARG A 291 26.89 -3.71 6.45
CA ARG A 291 26.68 -4.93 5.69
C ARG A 291 26.76 -6.15 6.61
N SER A 292 27.87 -6.26 7.32
CA SER A 292 28.15 -7.41 8.19
C SER A 292 27.61 -7.24 9.60
N ALA A 293 26.85 -6.17 9.81
CA ALA A 293 26.28 -5.86 11.12
C ALA A 293 25.45 -7.01 11.71
N PHE A 294 24.85 -7.81 10.85
CA PHE A 294 23.95 -8.86 11.29
C PHE A 294 24.50 -10.28 11.12
N GLN A 295 25.79 -10.46 11.34
CA GLN A 295 26.41 -11.77 11.24
C GLN A 295 26.37 -12.56 12.53
N HIS A 296 26.42 -13.87 12.35
CA HIS A 296 26.58 -14.81 13.44
C HIS A 296 25.62 -14.59 14.60
N LEU A 297 24.33 -14.81 14.35
CA LEU A 297 23.35 -14.87 15.44
C LEU A 297 22.37 -15.98 15.11
N PRO A 298 22.84 -17.24 15.19
CA PRO A 298 22.18 -18.42 14.63
C PRO A 298 20.72 -18.61 15.03
N GLU A 299 20.31 -18.01 16.14
CA GLU A 299 18.95 -18.21 16.65
C GLU A 299 17.99 -17.05 16.39
N LEU A 300 18.47 -15.99 15.75
CA LEU A 300 17.58 -14.88 15.37
C LEU A 300 16.50 -15.36 14.43
N ARG A 301 15.26 -14.97 14.69
CA ARG A 301 14.12 -15.41 13.90
C ARG A 301 13.54 -14.28 13.06
N THR A 302 13.56 -13.07 13.59
CA THR A 302 12.85 -11.93 13.00
C THR A 302 13.71 -10.66 12.83
N LEU A 303 13.46 -9.90 11.76
CA LEU A 303 13.93 -8.52 11.65
C LEU A 303 13.07 -7.71 10.66
N THR A 304 12.99 -6.41 10.91
CA THR A 304 12.25 -5.46 10.08
C THR A 304 13.06 -4.17 10.15
N LEU A 305 13.50 -3.66 9.01
CA LEU A 305 14.27 -2.40 8.94
C LEU A 305 13.75 -1.51 7.80
N ASN A 306 12.84 -0.60 8.12
CA ASN A 306 12.27 0.27 7.10
C ASN A 306 12.69 1.74 7.14
N GLY A 307 13.04 2.24 5.96
CA GLY A 307 13.41 3.64 5.76
C GLY A 307 14.90 3.87 5.98
N ALA A 308 15.68 2.82 5.77
CA ALA A 308 17.14 2.93 5.87
C ALA A 308 17.73 3.37 4.53
N SER A 309 17.67 4.68 4.28
CA SER A 309 18.05 5.23 2.99
C SER A 309 19.51 4.99 2.59
N GLN A 310 20.41 5.15 3.55
CA GLN A 310 21.85 5.17 3.24
C GLN A 310 22.45 3.81 2.90
N ILE A 311 21.74 2.72 3.19
CA ILE A 311 22.19 1.41 2.74
C ILE A 311 22.03 1.25 1.23
N THR A 312 23.13 0.92 0.56
CA THR A 312 23.11 0.74 -0.88
C THR A 312 23.38 -0.72 -1.26
N GLU A 313 23.62 -1.55 -0.26
CA GLU A 313 23.88 -2.97 -0.49
C GLU A 313 23.01 -3.87 0.38
N PHE A 314 22.78 -5.10 -0.09
CA PHE A 314 22.10 -6.12 0.71
C PHE A 314 23.03 -6.61 1.83
N PRO A 315 22.47 -6.78 3.04
CA PRO A 315 23.31 -7.16 4.18
C PRO A 315 23.68 -8.62 4.11
N ASP A 316 24.85 -8.95 4.65
CA ASP A 316 25.32 -10.34 4.71
C ASP A 316 24.72 -11.07 5.90
N LEU A 317 24.39 -12.35 5.71
CA LEU A 317 23.73 -13.17 6.76
C LEU A 317 24.33 -14.58 6.93
N THR A 318 25.66 -14.70 6.93
CA THR A 318 26.29 -16.01 7.17
C THR A 318 26.34 -16.37 8.64
N GLY A 319 26.10 -17.65 8.92
CA GLY A 319 26.07 -18.16 10.28
C GLY A 319 24.79 -17.72 10.94
N THR A 320 23.84 -17.24 10.11
CA THR A 320 22.55 -16.78 10.61
C THR A 320 21.38 -17.18 9.71
N ALA A 321 21.19 -18.48 9.54
CA ALA A 321 20.34 -18.99 8.47
C ALA A 321 18.90 -19.32 8.88
N ASN A 322 18.56 -19.09 10.14
CA ASN A 322 17.23 -19.47 10.61
C ASN A 322 16.26 -18.30 10.72
N LEU A 323 16.41 -17.33 9.83
CA LEU A 323 15.43 -16.26 9.73
C LEU A 323 14.14 -16.76 9.10
N GLU A 324 13.01 -16.34 9.65
CA GLU A 324 11.71 -16.77 9.15
C GLU A 324 10.98 -15.59 8.53
N SER A 325 11.40 -14.38 8.88
CA SER A 325 10.77 -13.17 8.37
C SER A 325 11.78 -12.06 8.11
N LEU A 326 12.16 -11.90 6.84
CA LEU A 326 13.05 -10.80 6.44
C LEU A 326 12.31 -9.80 5.57
N THR A 327 12.32 -8.53 6.00
CA THR A 327 11.73 -7.44 5.23
C THR A 327 12.63 -6.19 5.18
N LEU A 328 12.87 -5.70 3.97
CA LEU A 328 13.80 -4.60 3.74
C LEU A 328 13.28 -3.59 2.69
N THR A 329 12.83 -2.43 3.13
CA THR A 329 12.20 -1.48 2.21
C THR A 329 12.74 -0.06 2.40
N GLY A 330 12.37 0.83 1.47
CA GLY A 330 12.65 2.24 1.61
C GLY A 330 14.10 2.66 1.62
N ALA A 331 14.91 1.98 0.82
CA ALA A 331 16.36 2.18 0.82
C ALA A 331 16.85 2.68 -0.52
N GLN A 332 18.10 2.34 -0.83
CA GLN A 332 18.63 2.50 -2.18
C GLN A 332 19.57 1.37 -2.66
N ILE A 333 19.27 0.09 -2.44
CA ILE A 333 20.16 -0.94 -3.00
C ILE A 333 19.94 -1.10 -4.50
N SER A 334 20.99 -1.56 -5.17
CA SER A 334 21.00 -1.72 -6.61
C SER A 334 20.47 -3.09 -7.01
N SER A 335 20.95 -4.16 -6.39
CA SER A 335 20.47 -5.48 -6.76
C SER A 335 20.85 -6.49 -5.70
N LEU A 336 20.42 -7.73 -5.89
CA LEU A 336 20.76 -8.77 -4.94
C LEU A 336 21.88 -9.60 -5.52
N PRO A 337 22.89 -9.89 -4.69
CA PRO A 337 23.83 -10.91 -5.17
C PRO A 337 23.13 -12.23 -5.42
N GLN A 338 23.63 -12.92 -6.42
CA GLN A 338 23.19 -14.21 -6.92
C GLN A 338 22.93 -15.21 -5.80
N THR A 339 23.97 -15.47 -5.01
CA THR A 339 23.99 -16.57 -4.05
C THR A 339 23.25 -16.21 -2.76
N VAL A 340 22.31 -15.27 -2.86
CA VAL A 340 21.57 -14.78 -1.71
C VAL A 340 20.89 -15.88 -0.87
N CYS A 341 20.24 -16.83 -1.53
CA CYS A 341 19.43 -17.81 -0.83
C CYS A 341 20.30 -18.90 -0.19
N ASN A 342 21.53 -19.08 -0.65
CA ASN A 342 22.47 -20.03 -0.02
C ASN A 342 22.54 -19.81 1.50
N GLN A 343 22.61 -18.55 1.90
CA GLN A 343 22.60 -18.17 3.31
C GLN A 343 21.18 -18.24 3.87
N LEU A 344 20.20 -18.36 2.97
CA LEU A 344 18.81 -18.10 3.31
C LEU A 344 17.85 -19.25 2.99
N PRO A 345 17.95 -20.37 3.73
CA PRO A 345 16.84 -21.32 3.64
C PRO A 345 15.75 -21.00 4.68
N ASN A 346 14.84 -21.96 4.88
CA ASN A 346 13.77 -21.94 5.88
C ASN A 346 12.97 -20.65 6.05
N LEU A 347 13.23 -19.64 5.23
CA LEU A 347 12.46 -18.41 5.32
C LEU A 347 11.05 -18.67 4.77
N GLN A 348 10.10 -17.81 5.12
CA GLN A 348 8.72 -17.94 4.65
C GLN A 348 8.24 -16.63 4.04
N VAL A 349 8.59 -15.51 4.68
CA VAL A 349 8.15 -14.20 4.19
C VAL A 349 9.35 -13.35 3.73
N LEU A 350 9.22 -12.75 2.54
CA LEU A 350 10.28 -11.91 1.98
C LEU A 350 9.66 -10.60 1.49
N ASP A 351 10.27 -9.48 1.85
CA ASP A 351 9.72 -8.18 1.49
C ASP A 351 10.78 -7.12 1.24
N LEU A 352 11.11 -6.89 -0.03
CA LEU A 352 12.07 -5.87 -0.42
C LEU A 352 11.42 -4.76 -1.25
N SER A 353 10.19 -4.38 -0.88
CA SER A 353 9.43 -3.37 -1.60
C SER A 353 9.97 -1.93 -1.53
N TYR A 354 9.50 -1.11 -2.45
CA TYR A 354 9.78 0.33 -2.47
C TYR A 354 11.23 0.65 -2.54
N ASN A 355 11.89 0.02 -3.49
CA ASN A 355 13.31 0.22 -3.62
C ASN A 355 13.84 0.04 -5.03
N LEU A 356 15.16 0.01 -5.20
CA LEU A 356 15.72 -0.03 -6.53
C LEU A 356 16.23 -1.39 -6.98
N LEU A 357 15.31 -2.33 -7.15
CA LEU A 357 15.61 -3.66 -7.69
C LEU A 357 15.26 -3.78 -9.17
N GLU A 358 16.22 -4.24 -9.97
CA GLU A 358 16.06 -4.31 -11.43
C GLU A 358 16.12 -5.74 -11.93
N ASP A 359 17.28 -6.36 -11.80
CA ASP A 359 17.44 -7.76 -12.14
C ASP A 359 17.06 -8.59 -10.92
N LEU A 360 16.71 -9.85 -11.16
CA LEU A 360 16.31 -10.73 -10.08
C LEU A 360 17.09 -12.04 -10.14
N PRO A 361 17.60 -12.50 -8.99
CA PRO A 361 18.29 -13.80 -8.92
C PRO A 361 17.34 -14.99 -9.06
N SER A 362 17.79 -16.16 -8.62
CA SER A 362 17.03 -17.40 -8.84
C SER A 362 15.83 -17.57 -7.92
N PHE A 363 16.04 -17.36 -6.61
CA PHE A 363 15.03 -17.56 -5.57
C PHE A 363 14.65 -19.03 -5.39
N SER A 364 15.12 -19.88 -6.29
CA SER A 364 14.85 -21.32 -6.28
C SER A 364 15.36 -21.97 -5.01
N VAL A 365 16.66 -21.79 -4.76
CA VAL A 365 17.36 -22.39 -3.64
C VAL A 365 16.65 -22.12 -2.32
N CYS A 366 16.19 -20.89 -2.16
CA CYS A 366 15.50 -20.45 -0.95
C CYS A 366 14.04 -20.89 -0.89
N GLN A 367 13.83 -22.20 -0.82
CA GLN A 367 12.47 -22.71 -0.73
C GLN A 367 11.79 -22.34 0.60
N LYS A 368 10.62 -22.95 0.84
CA LYS A 368 9.82 -22.75 2.04
C LYS A 368 9.26 -21.32 2.12
N LEU A 369 9.56 -20.51 1.11
CA LEU A 369 9.01 -19.16 1.00
C LEU A 369 7.50 -19.24 0.85
N GLN A 370 6.79 -18.37 1.55
CA GLN A 370 5.33 -18.42 1.60
C GLN A 370 4.69 -17.12 1.11
N LYS A 371 5.40 -16.01 1.34
CA LYS A 371 4.92 -14.69 0.93
C LYS A 371 6.05 -13.81 0.40
N ILE A 372 5.79 -13.14 -0.72
CA ILE A 372 6.79 -12.26 -1.32
C ILE A 372 6.18 -10.90 -1.71
N ASP A 373 6.94 -9.83 -1.53
CA ASP A 373 6.50 -8.50 -1.96
C ASP A 373 7.68 -7.68 -2.48
N LEU A 374 7.72 -7.49 -3.80
CA LEU A 374 8.80 -6.72 -4.43
C LEU A 374 8.24 -5.52 -5.19
N ARG A 375 7.16 -4.95 -4.68
CA ARG A 375 6.51 -3.84 -5.37
C ARG A 375 7.37 -2.58 -5.32
N HIS A 376 7.04 -1.62 -6.17
CA HIS A 376 7.79 -0.37 -6.32
C HIS A 376 9.29 -0.58 -6.44
N ASN A 377 9.70 -1.44 -7.37
CA ASN A 377 11.10 -1.60 -7.75
C ASN A 377 11.24 -1.28 -9.24
N GLU A 378 12.47 -1.17 -9.75
CA GLU A 378 12.66 -0.96 -11.18
C GLU A 378 12.87 -2.29 -11.89
N ILE A 379 11.97 -3.24 -11.65
CA ILE A 379 12.10 -4.53 -12.30
C ILE A 379 11.49 -4.40 -13.68
N TYR A 380 12.28 -4.59 -14.74
CA TYR A 380 11.70 -4.45 -16.09
C TYR A 380 11.36 -5.81 -16.68
N GLU A 381 11.70 -6.89 -15.97
CA GLU A 381 11.64 -8.21 -16.56
C GLU A 381 11.54 -9.29 -15.49
N ILE A 382 10.93 -10.41 -15.82
CA ILE A 382 10.99 -11.57 -14.93
C ILE A 382 11.47 -12.76 -15.74
N LYS A 383 12.51 -13.44 -15.25
CA LYS A 383 13.07 -14.59 -15.94
C LYS A 383 12.29 -15.87 -15.72
N VAL A 384 12.76 -16.95 -16.34
CA VAL A 384 12.12 -18.24 -16.19
C VAL A 384 12.43 -18.72 -14.79
N ASP A 385 13.72 -18.80 -14.49
CA ASP A 385 14.23 -19.34 -13.23
C ASP A 385 13.91 -18.51 -11.99
N THR A 386 13.59 -17.23 -12.18
CA THR A 386 13.46 -16.30 -11.04
C THR A 386 12.39 -16.70 -10.02
N PHE A 387 11.47 -17.59 -10.39
CA PHE A 387 10.49 -18.07 -9.43
C PHE A 387 10.20 -19.57 -9.55
N GLN A 388 11.16 -20.32 -10.10
CA GLN A 388 10.99 -21.76 -10.22
C GLN A 388 11.04 -22.43 -8.87
N GLN A 389 10.16 -23.40 -8.66
CA GLN A 389 10.23 -24.23 -7.48
C GLN A 389 10.06 -23.43 -6.17
N LEU A 390 8.90 -22.80 -6.03
CA LEU A 390 8.52 -22.27 -4.74
C LEU A 390 7.19 -22.84 -4.28
N LEU A 391 7.12 -24.11 -3.87
CA LEU A 391 5.80 -24.72 -3.58
C LEU A 391 5.12 -24.23 -2.31
N SER A 392 5.83 -23.51 -1.46
CA SER A 392 5.21 -23.08 -0.23
C SER A 392 4.62 -21.69 -0.41
N LEU A 393 4.95 -21.07 -1.54
CA LEU A 393 4.51 -19.71 -1.84
C LEU A 393 3.00 -19.61 -2.01
N ARG A 394 2.41 -18.59 -1.42
CA ARG A 394 0.97 -18.42 -1.44
C ARG A 394 0.62 -17.14 -2.17
N SER A 395 1.38 -16.09 -1.88
CA SER A 395 1.16 -14.78 -2.50
C SER A 395 2.44 -14.12 -2.99
N LEU A 396 2.41 -13.63 -4.22
CA LEU A 396 3.55 -12.98 -4.84
C LEU A 396 3.10 -11.63 -5.40
N ASN A 397 3.71 -10.54 -4.91
CA ASN A 397 3.34 -9.21 -5.38
C ASN A 397 4.48 -8.53 -6.14
N LEU A 398 4.22 -8.18 -7.39
CA LEU A 398 5.20 -7.46 -8.22
C LEU A 398 4.59 -6.18 -8.78
N ALA A 399 3.63 -5.60 -8.07
CA ALA A 399 2.95 -4.40 -8.54
C ALA A 399 3.91 -3.20 -8.63
N TRP A 400 3.52 -2.22 -9.44
CA TRP A 400 4.27 -0.98 -9.60
C TRP A 400 5.74 -1.18 -9.96
N ASN A 401 6.00 -2.06 -10.93
CA ASN A 401 7.34 -2.22 -11.48
C ASN A 401 7.30 -1.82 -12.95
N LYS A 402 8.44 -1.95 -13.63
CA LYS A 402 8.51 -1.60 -15.05
C LYS A 402 8.63 -2.84 -15.91
N ILE A 403 8.00 -3.92 -15.49
CA ILE A 403 8.19 -5.20 -16.15
C ILE A 403 7.48 -5.24 -17.51
N ALA A 404 8.29 -5.15 -18.57
CA ALA A 404 7.77 -5.12 -19.94
C ALA A 404 7.31 -6.50 -20.42
N ILE A 405 8.01 -7.54 -20.02
CA ILE A 405 7.82 -8.86 -20.62
C ILE A 405 7.80 -9.99 -19.58
N ILE A 406 6.94 -10.98 -19.84
CA ILE A 406 6.91 -12.18 -19.01
C ILE A 406 7.27 -13.43 -19.81
N HIS A 407 8.33 -14.11 -19.41
CA HIS A 407 8.61 -15.43 -19.98
C HIS A 407 7.52 -16.35 -19.46
N PRO A 408 6.84 -17.07 -20.37
CA PRO A 408 5.60 -17.78 -20.02
C PRO A 408 5.75 -18.85 -18.94
N ASN A 409 6.81 -19.65 -18.99
CA ASN A 409 6.98 -20.78 -18.08
C ASN A 409 7.47 -20.38 -16.70
N ALA A 410 7.62 -19.08 -16.49
CA ALA A 410 8.05 -18.52 -15.22
C ALA A 410 7.19 -18.95 -14.03
N PHE A 411 5.90 -19.19 -14.28
CA PHE A 411 4.96 -19.52 -13.23
C PHE A 411 4.54 -20.98 -13.28
N SER A 412 5.23 -21.76 -14.11
CA SER A 412 4.88 -23.17 -14.33
C SER A 412 4.92 -24.01 -13.07
N THR A 413 5.71 -23.58 -12.10
CA THR A 413 6.02 -24.42 -10.95
C THR A 413 5.70 -23.79 -9.60
N LEU A 414 4.42 -23.52 -9.38
CA LEU A 414 3.97 -23.01 -8.10
C LEU A 414 2.52 -23.43 -7.84
N PRO A 415 2.34 -24.65 -7.33
CA PRO A 415 1.04 -25.23 -7.00
C PRO A 415 0.29 -24.37 -6.00
N SER A 416 0.93 -24.05 -4.88
CA SER A 416 0.28 -23.34 -3.79
C SER A 416 -0.02 -21.86 -4.05
N LEU A 417 0.33 -21.33 -5.21
CA LEU A 417 0.13 -19.89 -5.44
C LEU A 417 -1.37 -19.65 -5.49
N ILE A 418 -1.82 -18.69 -4.70
CA ILE A 418 -3.23 -18.40 -4.58
C ILE A 418 -3.50 -16.89 -4.69
N LYS A 419 -2.49 -16.07 -4.43
CA LYS A 419 -2.67 -14.62 -4.48
C LYS A 419 -1.59 -13.89 -5.32
N LEU A 420 -2.03 -13.11 -6.30
CA LEU A 420 -1.09 -12.49 -7.23
C LEU A 420 -1.41 -11.02 -7.53
N ASP A 421 -0.38 -10.18 -7.53
CA ASP A 421 -0.55 -8.80 -7.96
C ASP A 421 0.49 -8.44 -9.02
N LEU A 422 0.01 -7.95 -10.17
CA LEU A 422 0.87 -7.48 -11.24
C LEU A 422 0.42 -6.11 -11.74
N SER A 423 -0.19 -5.33 -10.85
CA SER A 423 -0.73 -4.02 -11.23
C SER A 423 0.33 -2.99 -11.61
N SER A 424 -0.07 -2.04 -12.45
CA SER A 424 0.76 -0.90 -12.86
C SER A 424 2.14 -1.37 -13.33
N ASN A 425 2.16 -2.35 -14.22
CA ASN A 425 3.42 -2.98 -14.60
C ASN A 425 3.77 -3.03 -16.08
N LEU A 426 2.92 -2.47 -16.93
CA LEU A 426 3.16 -2.44 -18.39
C LEU A 426 3.31 -3.82 -19.06
N LEU A 427 2.33 -4.70 -18.90
CA LEU A 427 2.33 -5.99 -19.59
C LEU A 427 1.48 -5.81 -20.85
N SER A 428 1.67 -6.67 -21.83
CA SER A 428 0.86 -6.67 -23.04
C SER A 428 0.07 -7.96 -23.06
N SER A 429 0.80 -9.03 -22.75
CA SER A 429 0.28 -10.38 -22.72
C SER A 429 0.33 -10.93 -21.31
N PHE A 430 0.01 -12.21 -21.22
CA PHE A 430 -0.17 -12.88 -19.95
C PHE A 430 0.15 -14.35 -20.16
N PRO A 431 1.01 -14.93 -19.32
CA PRO A 431 1.08 -16.39 -19.48
C PRO A 431 -0.17 -17.02 -18.89
N ILE A 432 -0.34 -18.31 -19.12
CA ILE A 432 -1.50 -19.04 -18.67
C ILE A 432 -0.89 -20.28 -18.05
N THR A 433 0.35 -20.54 -18.47
CA THR A 433 1.12 -21.70 -18.05
C THR A 433 1.08 -21.92 -16.54
N GLY A 434 0.91 -23.17 -16.14
CA GLY A 434 0.75 -23.54 -14.74
C GLY A 434 -0.35 -22.76 -14.05
N LEU A 435 -0.17 -22.57 -12.74
CA LEU A 435 -0.97 -21.62 -11.96
C LEU A 435 -2.46 -21.95 -11.81
N HIS A 436 -3.13 -22.17 -12.95
CA HIS A 436 -4.60 -22.24 -13.06
C HIS A 436 -5.37 -22.72 -11.83
N GLY A 437 -6.25 -21.86 -11.33
CA GLY A 437 -7.03 -22.19 -10.16
C GLY A 437 -6.46 -21.50 -8.93
N LEU A 438 -6.52 -20.18 -8.89
CA LEU A 438 -6.06 -19.50 -7.69
C LEU A 438 -7.17 -18.59 -7.15
N THR A 439 -6.85 -17.74 -6.17
CA THR A 439 -7.91 -16.97 -5.52
C THR A 439 -7.87 -15.43 -5.73
N HIS A 440 -6.70 -14.78 -5.83
CA HIS A 440 -6.66 -13.31 -6.05
C HIS A 440 -5.81 -12.89 -7.28
N LEU A 441 -6.31 -11.94 -8.10
CA LEU A 441 -5.61 -11.44 -9.31
C LEU A 441 -5.81 -9.95 -9.57
N LYS A 442 -4.72 -9.21 -9.56
CA LYS A 442 -4.75 -7.76 -9.74
C LYS A 442 -3.83 -7.39 -10.88
N LEU A 443 -4.38 -6.82 -11.95
CA LEU A 443 -3.57 -6.49 -13.13
C LEU A 443 -3.93 -5.12 -13.73
N THR A 444 -4.53 -4.24 -12.91
CA THR A 444 -4.88 -2.89 -13.37
C THR A 444 -3.61 -2.06 -13.66
N GLY A 445 -3.76 -0.90 -14.28
CA GLY A 445 -2.62 -0.07 -14.63
C GLY A 445 -1.82 -0.63 -15.80
N ASN A 446 -2.20 -1.83 -16.23
CA ASN A 446 -1.57 -2.47 -17.36
C ASN A 446 -2.42 -2.40 -18.60
N HIS A 447 -2.48 -1.20 -19.16
CA HIS A 447 -3.37 -0.88 -20.25
C HIS A 447 -3.02 -1.60 -21.53
N ALA A 448 -1.77 -1.98 -21.69
CA ALA A 448 -1.40 -2.76 -22.87
C ALA A 448 -1.95 -4.20 -22.78
N LEU A 449 -2.60 -4.55 -21.66
CA LEU A 449 -3.38 -5.79 -21.60
C LEU A 449 -4.74 -5.46 -22.13
N GLN A 450 -5.11 -6.12 -23.22
CA GLN A 450 -6.40 -5.82 -23.78
C GLN A 450 -7.16 -7.10 -24.09
N SER A 451 -6.45 -8.15 -24.46
CA SER A 451 -7.13 -9.40 -24.74
C SER A 451 -7.79 -9.92 -23.47
N LEU A 452 -8.80 -10.75 -23.64
CA LEU A 452 -9.59 -11.20 -22.51
C LEU A 452 -8.87 -12.32 -21.75
N ILE A 453 -9.53 -12.82 -20.71
CA ILE A 453 -9.05 -13.94 -19.91
C ILE A 453 -10.26 -14.70 -19.39
N SER A 454 -10.25 -16.02 -19.59
CA SER A 454 -11.45 -16.84 -19.45
C SER A 454 -11.74 -17.35 -18.05
N SER A 455 -13.03 -17.63 -17.81
CA SER A 455 -13.48 -18.22 -16.56
C SER A 455 -12.94 -19.62 -16.33
N GLU A 456 -13.00 -20.48 -17.35
CA GLU A 456 -12.30 -21.77 -17.26
C GLU A 456 -10.80 -21.52 -17.26
N ASN A 457 -10.03 -22.53 -16.84
CA ASN A 457 -8.60 -22.43 -16.53
C ASN A 457 -8.31 -21.27 -15.55
N PHE A 458 -9.36 -20.85 -14.85
CA PHE A 458 -9.26 -19.89 -13.75
C PHE A 458 -10.41 -20.00 -12.75
N PRO A 459 -10.64 -21.20 -12.18
CA PRO A 459 -11.67 -21.30 -11.16
C PRO A 459 -11.16 -20.78 -9.82
N GLU A 460 -12.04 -20.68 -8.82
CA GLU A 460 -11.69 -20.28 -7.46
C GLU A 460 -11.28 -18.82 -7.37
N LEU A 461 -11.44 -18.13 -8.48
CA LEU A 461 -11.21 -16.70 -8.58
C LEU A 461 -12.33 -15.92 -7.90
N LYS A 462 -12.04 -15.20 -6.81
CA LYS A 462 -13.13 -14.49 -6.11
C LYS A 462 -13.00 -12.97 -6.11
N VAL A 463 -11.80 -12.46 -5.91
CA VAL A 463 -11.59 -11.02 -6.02
C VAL A 463 -10.63 -10.73 -7.15
N ILE A 464 -11.04 -9.82 -8.02
CA ILE A 464 -10.31 -9.54 -9.25
C ILE A 464 -10.33 -8.05 -9.51
N GLU A 465 -9.24 -7.55 -10.09
CA GLU A 465 -9.19 -6.19 -10.59
C GLU A 465 -8.87 -6.30 -12.07
N MET A 466 -9.33 -5.35 -12.87
CA MET A 466 -9.07 -5.37 -14.32
C MET A 466 -8.80 -3.97 -14.80
N PRO A 467 -7.91 -3.82 -15.80
CA PRO A 467 -7.67 -2.48 -16.35
C PRO A 467 -8.93 -1.94 -17.02
N TYR A 468 -9.70 -2.84 -17.60
CA TYR A 468 -10.88 -2.48 -18.37
C TYR A 468 -12.11 -3.33 -18.03
N ALA A 469 -13.30 -2.73 -18.13
CA ALA A 469 -14.56 -3.38 -17.80
C ALA A 469 -14.91 -4.66 -18.58
N TYR A 470 -14.53 -4.75 -19.86
CA TYR A 470 -15.04 -5.83 -20.73
C TYR A 470 -14.51 -7.21 -20.34
N GLN A 471 -13.30 -7.27 -19.77
CA GLN A 471 -12.73 -8.56 -19.34
C GLN A 471 -13.24 -8.97 -17.97
N CYS A 472 -13.67 -7.97 -17.19
CA CYS A 472 -14.29 -8.23 -15.88
C CYS A 472 -15.51 -9.09 -16.11
N CYS A 473 -16.23 -8.76 -17.18
CA CYS A 473 -17.49 -9.39 -17.51
C CYS A 473 -17.34 -10.87 -17.85
N ALA A 474 -16.17 -11.24 -18.38
CA ALA A 474 -15.86 -12.64 -18.68
C ALA A 474 -16.04 -13.56 -17.46
N PHE A 475 -16.16 -12.94 -16.29
CA PHE A 475 -16.35 -13.67 -15.04
C PHE A 475 -17.72 -13.43 -14.40
N GLY A 476 -18.71 -13.13 -15.23
CA GLY A 476 -20.09 -13.07 -14.78
C GLY A 476 -20.54 -11.78 -14.12
N VAL A 477 -19.68 -10.76 -14.15
CA VAL A 477 -20.07 -9.44 -13.68
C VAL A 477 -20.12 -8.49 -14.87
N VAL A 532 -18.32 -13.31 -6.13
CA VAL A 532 -17.12 -12.99 -6.89
C VAL A 532 -17.10 -11.48 -7.15
N GLN A 533 -15.91 -10.90 -7.21
CA GLN A 533 -15.79 -9.45 -7.34
C GLN A 533 -14.83 -9.08 -8.46
N CYS A 534 -15.08 -7.93 -9.07
CA CYS A 534 -14.25 -7.46 -10.17
C CYS A 534 -14.43 -5.97 -10.38
N SER A 535 -13.35 -5.23 -10.16
CA SER A 535 -13.37 -3.78 -10.31
C SER A 535 -12.69 -3.39 -11.62
N PRO A 536 -13.46 -2.78 -12.53
CA PRO A 536 -12.93 -2.22 -13.78
C PRO A 536 -12.14 -0.93 -13.56
N GLY B 26 -34.97 -7.78 -58.27
CA GLY B 26 -34.05 -8.79 -58.77
C GLY B 26 -32.82 -8.99 -57.91
N CYS B 27 -32.96 -9.75 -56.84
CA CYS B 27 -31.85 -10.10 -55.97
C CYS B 27 -30.97 -11.13 -56.68
N PRO B 28 -29.65 -10.96 -56.61
CA PRO B 28 -28.75 -11.92 -57.28
C PRO B 28 -28.79 -13.29 -56.62
N THR B 29 -28.31 -14.31 -57.31
CA THR B 29 -28.27 -15.66 -56.78
C THR B 29 -27.46 -15.69 -55.48
N HIS B 30 -27.80 -16.63 -54.60
CA HIS B 30 -27.07 -16.88 -53.35
C HIS B 30 -27.19 -15.77 -52.31
N CYS B 31 -27.52 -14.56 -52.76
CA CYS B 31 -27.51 -13.39 -51.89
C CYS B 31 -28.78 -13.11 -51.10
N HIS B 32 -28.68 -12.08 -50.27
CA HIS B 32 -29.73 -11.64 -49.37
C HIS B 32 -30.14 -10.20 -49.69
N CYS B 33 -31.37 -10.02 -50.14
CA CYS B 33 -31.83 -8.69 -50.58
C CYS B 33 -32.96 -8.13 -49.72
N GLU B 34 -33.08 -6.80 -49.72
CA GLU B 34 -34.09 -6.05 -48.94
C GLU B 34 -34.29 -4.66 -49.54
N PRO B 35 -35.48 -4.09 -49.35
CA PRO B 35 -35.70 -2.71 -49.80
C PRO B 35 -35.02 -1.73 -48.85
N ASP B 36 -34.32 -0.72 -49.35
CA ASP B 36 -33.69 0.26 -48.47
C ASP B 36 -34.79 1.15 -47.90
N GLY B 37 -34.76 2.42 -48.28
CA GLY B 37 -35.83 3.32 -47.91
C GLY B 37 -36.91 3.00 -48.91
N ARG B 38 -37.31 3.98 -49.70
CA ARG B 38 -38.24 3.67 -50.77
C ARG B 38 -37.62 2.89 -51.93
N MET B 39 -37.96 1.60 -52.00
CA MET B 39 -37.78 0.77 -53.18
C MET B 39 -36.35 0.65 -53.71
N LEU B 40 -35.42 1.37 -53.10
CA LEU B 40 -34.02 1.14 -53.43
C LEU B 40 -33.74 -0.26 -52.90
N LEU B 41 -32.77 -0.93 -53.48
CA LEU B 41 -32.52 -2.31 -53.06
C LEU B 41 -31.15 -2.46 -52.43
N ARG B 42 -31.09 -3.30 -51.40
CA ARG B 42 -29.85 -3.65 -50.71
C ARG B 42 -29.46 -5.10 -51.01
N VAL B 43 -28.27 -5.27 -51.56
CA VAL B 43 -27.70 -6.58 -51.84
C VAL B 43 -26.62 -7.01 -50.85
N ASP B 44 -26.91 -8.03 -50.06
CA ASP B 44 -25.89 -8.60 -49.20
C ASP B 44 -25.29 -9.86 -49.83
N CYS B 45 -24.02 -9.75 -50.19
CA CYS B 45 -23.24 -10.87 -50.68
C CYS B 45 -22.01 -11.00 -49.80
N SER B 46 -22.23 -11.24 -48.51
CA SER B 46 -21.13 -11.28 -47.55
C SER B 46 -20.34 -12.58 -47.67
N ASP B 47 -20.03 -13.20 -46.53
CA ASP B 47 -19.30 -14.46 -46.53
C ASP B 47 -20.04 -15.55 -47.29
N LEU B 48 -19.93 -15.51 -48.61
CA LEU B 48 -20.52 -16.52 -49.46
C LEU B 48 -19.41 -17.22 -50.24
N GLY B 49 -18.22 -16.65 -50.16
CA GLY B 49 -17.03 -17.22 -50.76
C GLY B 49 -17.10 -17.22 -52.28
N LEU B 50 -17.45 -16.08 -52.83
CA LEU B 50 -17.52 -15.90 -54.28
C LEU B 50 -16.15 -16.01 -54.93
N SER B 51 -16.12 -16.26 -56.23
CA SER B 51 -14.88 -16.19 -56.99
C SER B 51 -14.70 -14.78 -57.52
N GLU B 52 -15.77 -14.23 -58.11
CA GLU B 52 -15.79 -12.86 -58.62
C GLU B 52 -17.10 -12.22 -58.18
N LEU B 53 -17.22 -10.89 -58.32
CA LEU B 53 -18.45 -10.23 -57.90
C LEU B 53 -19.63 -10.67 -58.77
N PRO B 54 -20.87 -10.50 -58.28
CA PRO B 54 -21.97 -11.02 -59.09
C PRO B 54 -22.23 -10.28 -60.38
N SER B 55 -22.58 -11.04 -61.42
CA SER B 55 -23.06 -10.46 -62.65
C SER B 55 -24.56 -10.32 -62.43
N ASN B 56 -25.28 -9.81 -63.44
CA ASN B 56 -26.65 -9.33 -63.23
C ASN B 56 -26.55 -8.17 -62.24
N LEU B 57 -27.11 -8.34 -61.04
CA LEU B 57 -27.12 -7.28 -60.02
C LEU B 57 -27.56 -5.97 -60.64
N SER B 58 -28.87 -5.79 -60.78
CA SER B 58 -29.43 -4.63 -61.46
C SER B 58 -29.30 -3.32 -60.70
N VAL B 59 -29.49 -2.24 -61.45
CA VAL B 59 -29.83 -0.91 -60.95
C VAL B 59 -30.81 -0.91 -59.77
N PHE B 60 -31.06 0.29 -59.21
CA PHE B 60 -31.85 0.47 -57.98
C PHE B 60 -31.09 0.09 -56.71
N THR B 61 -29.84 -0.32 -56.85
CA THR B 61 -29.07 -0.87 -55.73
C THR B 61 -28.47 0.27 -54.89
N SER B 62 -28.67 0.25 -53.57
CA SER B 62 -28.30 1.43 -52.78
C SER B 62 -27.10 1.26 -51.85
N TYR B 63 -26.89 0.06 -51.31
CA TYR B 63 -25.55 -0.30 -50.81
C TYR B 63 -25.26 -1.77 -51.02
N LEU B 64 -23.96 -2.08 -51.09
CA LEU B 64 -23.52 -3.41 -51.51
C LEU B 64 -22.34 -3.98 -50.70
N ASP B 65 -22.55 -5.13 -50.05
CA ASP B 65 -21.51 -5.71 -49.20
C ASP B 65 -20.87 -6.97 -49.81
N LEU B 66 -19.56 -6.88 -50.07
CA LEU B 66 -18.76 -8.03 -50.46
C LEU B 66 -17.59 -8.17 -49.48
N SER B 67 -17.76 -9.00 -48.45
CA SER B 67 -16.75 -9.15 -47.41
C SER B 67 -16.34 -10.61 -47.21
N MET B 68 -15.03 -10.85 -47.06
CA MET B 68 -14.49 -12.20 -46.91
C MET B 68 -14.92 -13.16 -48.02
N ASN B 69 -14.63 -12.83 -49.27
CA ASN B 69 -15.08 -13.66 -50.38
C ASN B 69 -14.09 -13.85 -51.53
N ASN B 70 -12.79 -13.88 -51.24
CA ASN B 70 -11.75 -14.26 -52.21
C ASN B 70 -11.80 -13.59 -53.60
N ILE B 71 -11.85 -12.26 -53.64
CA ILE B 71 -11.88 -11.57 -54.94
C ILE B 71 -10.51 -11.05 -55.38
N SER B 72 -9.94 -11.71 -56.39
CA SER B 72 -8.60 -11.39 -56.89
C SER B 72 -8.59 -10.10 -57.70
N GLN B 73 -9.33 -10.10 -58.80
CA GLN B 73 -9.35 -8.96 -59.72
C GLN B 73 -10.76 -8.43 -59.92
N LEU B 74 -10.89 -7.11 -59.88
CA LEU B 74 -12.16 -6.46 -60.16
C LEU B 74 -12.04 -5.53 -61.36
N LEU B 75 -12.50 -5.97 -62.54
CA LEU B 75 -12.92 -7.34 -62.82
C LEU B 75 -12.64 -7.53 -64.32
N PRO B 76 -12.93 -8.71 -64.89
CA PRO B 76 -13.14 -8.62 -66.33
C PRO B 76 -14.33 -7.70 -66.63
N ASN B 77 -15.32 -7.73 -65.75
CA ASN B 77 -16.52 -6.94 -65.94
C ASN B 77 -16.92 -6.27 -64.62
N PRO B 78 -16.43 -5.05 -64.38
CA PRO B 78 -16.94 -4.44 -63.15
C PRO B 78 -18.39 -4.07 -63.36
N LEU B 79 -19.04 -3.51 -62.36
CA LEU B 79 -20.41 -3.07 -62.56
C LEU B 79 -20.63 -1.68 -62.04
N PRO B 80 -20.38 -0.69 -62.91
CA PRO B 80 -20.79 0.70 -62.75
C PRO B 80 -22.28 0.81 -63.10
N SER B 81 -22.73 2.02 -63.39
CA SER B 81 -24.09 2.28 -63.91
C SER B 81 -25.22 1.99 -62.92
N LEU B 82 -24.88 1.66 -61.67
CA LEU B 82 -25.89 1.52 -60.62
C LEU B 82 -25.96 2.81 -59.80
N ARG B 83 -25.87 3.92 -60.53
CA ARG B 83 -25.98 5.30 -60.08
C ARG B 83 -26.59 5.69 -58.71
N PHE B 84 -27.05 4.72 -57.92
CA PHE B 84 -27.76 5.05 -56.68
C PHE B 84 -27.07 4.44 -55.48
N LEU B 85 -25.99 3.73 -55.76
CA LEU B 85 -25.19 3.08 -54.74
C LEU B 85 -24.62 4.06 -53.71
N GLU B 86 -25.07 3.92 -52.46
CA GLU B 86 -24.54 4.70 -51.36
C GLU B 86 -23.19 4.16 -50.90
N GLU B 87 -23.06 2.83 -50.90
CA GLU B 87 -22.02 2.17 -50.15
C GLU B 87 -21.50 0.85 -50.75
N LEU B 88 -20.21 0.81 -51.07
CA LEU B 88 -19.56 -0.46 -51.38
C LEU B 88 -18.71 -0.90 -50.21
N ARG B 89 -18.85 -2.15 -49.80
CA ARG B 89 -17.95 -2.72 -48.81
C ARG B 89 -17.17 -3.84 -49.47
N LEU B 90 -15.85 -3.67 -49.51
CA LEU B 90 -14.98 -4.59 -50.26
C LEU B 90 -13.85 -5.09 -49.36
N ALA B 91 -14.17 -5.34 -48.10
CA ALA B 91 -13.14 -5.75 -47.14
C ALA B 91 -12.91 -7.25 -47.17
N GLY B 92 -11.70 -7.68 -46.80
CA GLY B 92 -11.41 -9.09 -46.66
C GLY B 92 -11.38 -9.91 -47.95
N ASN B 93 -11.11 -9.25 -49.07
CA ASN B 93 -11.16 -9.94 -50.36
C ASN B 93 -9.81 -10.19 -51.02
N ALA B 94 -8.75 -9.75 -50.35
CA ALA B 94 -7.39 -9.93 -50.86
C ALA B 94 -7.23 -9.60 -52.34
N LEU B 95 -7.44 -8.33 -52.68
CA LEU B 95 -7.06 -7.84 -53.99
C LEU B 95 -5.69 -7.19 -53.84
N THR B 96 -5.00 -6.97 -54.94
CA THR B 96 -3.62 -6.52 -54.89
C THR B 96 -3.54 -5.10 -55.40
N TYR B 97 -4.49 -4.78 -56.26
CA TYR B 97 -4.47 -3.51 -56.95
C TYR B 97 -5.82 -3.16 -57.55
N ILE B 98 -6.25 -1.93 -57.39
CA ILE B 98 -7.50 -1.52 -57.99
C ILE B 98 -7.23 -0.78 -59.29
N PRO B 99 -7.68 -1.35 -60.42
CA PRO B 99 -7.54 -0.54 -61.62
C PRO B 99 -8.42 0.70 -61.51
N LYS B 100 -8.29 1.58 -62.48
CA LYS B 100 -8.77 2.96 -62.37
C LYS B 100 -10.24 3.14 -62.60
N GLY B 101 -10.68 2.62 -63.74
CA GLY B 101 -12.04 2.81 -64.19
C GLY B 101 -13.00 1.98 -63.38
N ALA B 102 -12.47 1.28 -62.39
CA ALA B 102 -13.25 0.34 -61.58
C ALA B 102 -14.42 1.03 -60.87
N PHE B 103 -14.20 2.27 -60.43
CA PHE B 103 -15.21 2.97 -59.64
C PHE B 103 -15.83 4.16 -60.37
N THR B 104 -15.76 4.16 -61.70
CA THR B 104 -16.18 5.33 -62.47
C THR B 104 -17.68 5.61 -62.38
N GLY B 105 -18.50 4.62 -62.71
CA GLY B 105 -19.94 4.80 -62.71
C GLY B 105 -20.57 4.99 -61.34
N LEU B 106 -19.76 4.98 -60.29
CA LEU B 106 -20.26 5.03 -58.93
C LEU B 106 -20.47 6.47 -58.49
N TYR B 107 -21.49 7.07 -59.06
CA TYR B 107 -21.74 8.51 -58.95
C TYR B 107 -22.35 8.98 -57.64
N SER B 108 -22.85 8.04 -56.83
CA SER B 108 -23.52 8.40 -55.58
C SER B 108 -22.84 7.70 -54.42
N LEU B 109 -21.63 7.19 -54.68
CA LEU B 109 -20.84 6.51 -53.67
C LEU B 109 -20.60 7.41 -52.47
N LYS B 110 -20.99 6.94 -51.30
CA LYS B 110 -20.92 7.73 -50.07
C LYS B 110 -19.88 7.18 -49.09
N VAL B 111 -19.82 5.86 -48.97
CA VAL B 111 -18.82 5.21 -48.14
C VAL B 111 -18.24 4.00 -48.88
N LEU B 112 -16.92 4.01 -49.05
CA LEU B 112 -16.22 2.92 -49.72
C LEU B 112 -15.25 2.24 -48.77
N MET B 113 -15.41 0.93 -48.58
CA MET B 113 -14.57 0.19 -47.64
C MET B 113 -13.62 -0.76 -48.36
N LEU B 114 -12.33 -0.61 -48.07
CA LEU B 114 -11.28 -1.41 -48.71
C LEU B 114 -10.32 -1.92 -47.64
N GLN B 115 -10.89 -2.48 -46.57
CA GLN B 115 -10.13 -2.92 -45.40
C GLN B 115 -9.55 -4.32 -45.58
N ASN B 116 -8.70 -4.72 -44.62
CA ASN B 116 -7.97 -6.00 -44.60
C ASN B 116 -7.82 -6.70 -45.95
N ASN B 117 -7.44 -5.91 -46.94
CA ASN B 117 -7.15 -6.41 -48.27
C ASN B 117 -5.66 -6.32 -48.43
N GLN B 118 -5.11 -6.96 -49.44
CA GLN B 118 -3.65 -6.94 -49.56
C GLN B 118 -3.25 -5.99 -50.67
N LEU B 119 -3.57 -4.72 -50.46
CA LEU B 119 -3.07 -3.61 -51.26
C LEU B 119 -1.70 -3.20 -50.77
N ARG B 120 -0.82 -2.83 -51.69
CA ARG B 120 0.51 -2.32 -51.32
C ARG B 120 0.60 -0.83 -51.46
N HIS B 121 -0.35 -0.25 -52.17
CA HIS B 121 -0.38 1.18 -52.29
C HIS B 121 -1.79 1.67 -52.47
N VAL B 122 -2.03 2.89 -52.00
CA VAL B 122 -3.26 3.59 -52.27
C VAL B 122 -3.38 3.59 -53.76
N PRO B 123 -4.57 3.16 -54.27
CA PRO B 123 -4.76 3.10 -55.72
C PRO B 123 -4.21 4.36 -56.37
N THR B 124 -3.21 4.20 -57.22
CA THR B 124 -2.55 5.32 -57.86
C THR B 124 -3.68 6.23 -58.38
N GLU B 125 -4.66 5.67 -59.10
CA GLU B 125 -5.75 6.50 -59.65
C GLU B 125 -7.16 5.91 -59.55
N ALA B 126 -7.34 4.87 -58.79
CA ALA B 126 -8.70 4.33 -58.73
C ALA B 126 -9.65 5.28 -57.98
N LEU B 127 -9.08 6.02 -57.05
CA LEU B 127 -9.80 6.84 -56.07
C LEU B 127 -10.03 8.34 -56.30
N GLN B 128 -10.31 8.82 -57.53
CA GLN B 128 -10.45 10.30 -57.74
C GLN B 128 -11.77 10.79 -58.38
N ASN B 129 -12.05 12.07 -58.12
CA ASN B 129 -13.17 12.75 -58.74
C ASN B 129 -14.43 11.89 -58.50
N LEU B 130 -14.31 11.10 -57.43
CA LEU B 130 -15.40 10.36 -56.85
C LEU B 130 -16.03 11.33 -55.90
N ARG B 131 -16.92 12.13 -56.47
CA ARG B 131 -17.44 13.32 -55.81
C ARG B 131 -17.98 13.13 -54.39
N SER B 132 -19.03 12.34 -54.25
CA SER B 132 -19.90 12.40 -53.06
C SER B 132 -19.49 11.58 -51.82
N LEU B 133 -18.35 10.90 -51.91
CA LEU B 133 -17.83 9.99 -50.86
C LEU B 133 -17.43 10.75 -49.59
N GLN B 134 -17.86 10.26 -48.42
CA GLN B 134 -17.58 10.95 -47.17
C GLN B 134 -16.58 10.17 -46.30
N SER B 135 -16.62 8.85 -46.37
CA SER B 135 -15.73 8.01 -45.58
C SER B 135 -15.02 6.97 -46.43
N LEU B 136 -13.69 7.00 -46.42
CA LEU B 136 -12.88 6.06 -47.18
C LEU B 136 -11.99 5.24 -46.25
N ARG B 137 -12.18 3.93 -46.26
CA ARG B 137 -11.50 3.04 -45.33
C ARG B 137 -10.45 2.15 -45.98
N LEU B 138 -9.19 2.51 -45.79
CA LEU B 138 -8.06 1.77 -46.37
C LEU B 138 -7.11 1.20 -45.32
N ASP B 139 -7.65 0.62 -44.26
CA ASP B 139 -6.78 0.06 -43.22
C ASP B 139 -6.51 -1.44 -43.39
N ALA B 140 -5.62 -1.96 -42.56
CA ALA B 140 -5.29 -3.38 -42.52
C ALA B 140 -4.80 -3.93 -43.84
N ASN B 141 -4.18 -3.07 -44.65
CA ASN B 141 -3.57 -3.52 -45.88
C ASN B 141 -2.06 -3.56 -45.71
N HIS B 142 -1.34 -3.64 -46.81
CA HIS B 142 0.10 -3.59 -46.74
C HIS B 142 0.58 -2.41 -47.59
N ILE B 143 -0.11 -1.29 -47.40
CA ILE B 143 0.18 -0.08 -48.13
C ILE B 143 1.48 0.49 -47.55
N SER B 144 2.36 0.97 -48.41
CA SER B 144 3.67 1.45 -47.99
C SER B 144 3.97 2.86 -48.48
N TYR B 145 3.47 3.19 -49.67
CA TYR B 145 3.65 4.52 -50.23
C TYR B 145 2.30 5.06 -50.72
N VAL B 146 2.06 6.35 -50.48
CA VAL B 146 0.84 6.99 -50.96
C VAL B 146 1.20 7.96 -52.07
N PRO B 147 0.65 7.72 -53.28
CA PRO B 147 1.01 8.54 -54.45
C PRO B 147 0.47 9.96 -54.33
N PRO B 148 1.22 10.93 -54.85
CA PRO B 148 0.77 12.32 -54.84
C PRO B 148 -0.44 12.49 -55.73
N SER B 149 -1.43 13.25 -55.27
CA SER B 149 -2.65 13.48 -56.04
C SER B 149 -3.39 12.17 -56.33
N CYS B 150 -3.31 11.23 -55.40
CA CYS B 150 -4.18 10.07 -55.45
C CYS B 150 -5.53 10.53 -54.93
N PHE B 151 -5.47 11.44 -53.97
CA PHE B 151 -6.64 12.03 -53.36
C PHE B 151 -7.05 13.32 -54.05
N SER B 152 -6.76 13.42 -55.34
CA SER B 152 -7.18 14.57 -56.11
C SER B 152 -8.69 14.50 -56.39
N GLY B 153 -9.41 15.53 -55.97
CA GLY B 153 -10.83 15.66 -56.29
C GLY B 153 -11.85 14.92 -55.45
N LEU B 154 -11.47 14.52 -54.23
CA LEU B 154 -12.46 13.97 -53.30
C LEU B 154 -12.78 15.03 -52.23
N HIS B 155 -13.47 16.08 -52.66
CA HIS B 155 -13.69 17.25 -51.81
C HIS B 155 -14.76 17.02 -50.75
N SER B 156 -15.26 15.79 -50.65
CA SER B 156 -16.27 15.45 -49.66
C SER B 156 -15.76 14.50 -48.57
N LEU B 157 -14.56 13.94 -48.78
CA LEU B 157 -13.99 12.99 -47.84
C LEU B 157 -13.77 13.61 -46.46
N ARG B 158 -14.48 13.09 -45.47
CA ARG B 158 -14.35 13.58 -44.09
C ARG B 158 -13.72 12.52 -43.17
N HIS B 159 -13.81 11.26 -43.57
CA HIS B 159 -13.31 10.14 -42.76
C HIS B 159 -12.31 9.27 -43.53
N LEU B 160 -11.12 9.08 -42.96
CA LEU B 160 -10.10 8.26 -43.62
C LEU B 160 -9.37 7.28 -42.67
N TRP B 161 -9.41 5.98 -43.01
CA TRP B 161 -8.57 4.98 -42.33
C TRP B 161 -7.30 4.73 -43.13
N LEU B 162 -6.15 4.76 -42.45
CA LEU B 162 -4.89 4.36 -43.07
C LEU B 162 -4.03 3.66 -42.04
N ASP B 163 -4.68 2.90 -41.16
CA ASP B 163 -3.98 2.21 -40.08
C ASP B 163 -3.66 0.77 -40.43
N ASP B 164 -3.00 0.08 -39.50
CA ASP B 164 -2.55 -1.30 -39.66
C ASP B 164 -1.88 -1.52 -41.02
N ASN B 165 -1.10 -0.52 -41.41
CA ASN B 165 -0.40 -0.53 -42.70
C ASN B 165 1.10 -0.34 -42.54
N ALA B 166 1.81 -0.32 -43.67
CA ALA B 166 3.27 -0.20 -43.63
C ALA B 166 3.78 1.13 -44.17
N LEU B 167 3.12 2.22 -43.78
CA LEU B 167 3.57 3.55 -44.16
C LEU B 167 4.92 3.83 -43.50
N THR B 168 5.67 4.76 -44.06
CA THR B 168 6.99 5.09 -43.51
C THR B 168 7.07 6.57 -43.16
N GLU B 169 6.36 7.39 -43.92
CA GLU B 169 6.33 8.83 -43.68
C GLU B 169 4.92 9.39 -43.81
N ILE B 170 4.74 10.63 -43.37
CA ILE B 170 3.50 11.36 -43.61
C ILE B 170 3.40 11.77 -45.08
N PRO B 171 2.36 11.29 -45.78
CA PRO B 171 2.18 11.61 -47.19
C PRO B 171 1.61 13.01 -47.39
N VAL B 172 2.44 14.01 -47.09
CA VAL B 172 2.06 15.42 -47.10
C VAL B 172 1.42 15.82 -48.42
N GLN B 173 2.03 15.32 -49.50
CA GLN B 173 1.64 15.64 -50.86
C GLN B 173 0.16 15.38 -51.15
N ALA B 174 -0.21 14.11 -51.16
CA ALA B 174 -1.58 13.70 -51.41
C ALA B 174 -2.59 14.24 -50.39
N PHE B 175 -2.10 14.64 -49.22
CA PHE B 175 -2.98 15.02 -48.12
C PHE B 175 -3.63 16.41 -48.29
N ARG B 176 -2.98 17.29 -49.05
CA ARG B 176 -3.48 18.66 -49.19
C ARG B 176 -4.91 18.76 -49.70
N SER B 177 -5.24 18.01 -50.73
CA SER B 177 -6.56 18.09 -51.36
C SER B 177 -7.68 17.64 -50.42
N LEU B 178 -7.30 17.05 -49.28
CA LEU B 178 -8.25 16.64 -48.25
C LEU B 178 -8.57 17.75 -47.26
N SER B 179 -9.15 18.84 -47.74
CA SER B 179 -9.47 19.97 -46.89
C SER B 179 -10.87 19.83 -46.30
N ALA B 180 -11.53 18.73 -46.62
CA ALA B 180 -12.85 18.45 -46.08
C ALA B 180 -12.72 17.38 -45.01
N LEU B 181 -11.50 16.83 -44.90
CA LEU B 181 -11.20 15.79 -43.93
C LEU B 181 -11.38 16.32 -42.51
N GLN B 182 -12.09 15.55 -41.69
CA GLN B 182 -12.36 15.95 -40.31
C GLN B 182 -11.75 14.95 -39.33
N ALA B 183 -11.67 13.70 -39.75
CA ALA B 183 -11.17 12.62 -38.90
C ALA B 183 -10.25 11.67 -39.68
N MET B 184 -9.03 11.49 -39.17
CA MET B 184 -8.04 10.67 -39.86
C MET B 184 -7.23 9.84 -38.86
N THR B 185 -6.83 8.64 -39.26
CA THR B 185 -6.04 7.76 -38.41
C THR B 185 -4.87 7.13 -39.17
N LEU B 186 -3.66 7.42 -38.72
CA LEU B 186 -2.46 6.81 -39.29
C LEU B 186 -1.81 5.90 -38.25
N ALA B 187 -2.64 5.32 -37.40
CA ALA B 187 -2.20 4.42 -36.34
C ALA B 187 -1.62 3.13 -36.90
N LEU B 188 -0.81 2.44 -36.11
CA LEU B 188 -0.25 1.14 -36.47
C LEU B 188 0.39 1.15 -37.85
N ASN B 189 1.39 2.01 -38.03
CA ASN B 189 2.19 1.99 -39.24
C ASN B 189 3.65 1.92 -38.85
N LYS B 190 4.52 2.46 -39.68
CA LYS B 190 5.93 2.57 -39.34
C LYS B 190 6.42 3.93 -39.77
N ILE B 191 5.73 4.97 -39.31
CA ILE B 191 6.19 6.32 -39.51
C ILE B 191 7.08 6.67 -38.32
N HIS B 192 8.20 7.32 -38.58
CA HIS B 192 9.11 7.66 -37.50
C HIS B 192 9.28 9.16 -37.34
N HIS B 193 9.03 9.91 -38.41
CA HIS B 193 9.23 11.35 -38.37
C HIS B 193 8.09 12.13 -39.03
N ILE B 194 7.69 13.22 -38.38
CA ILE B 194 6.68 14.12 -38.93
C ILE B 194 7.30 15.47 -39.31
N PRO B 195 7.41 15.73 -40.62
CA PRO B 195 8.00 16.96 -41.14
C PRO B 195 7.15 18.19 -40.80
N ASP B 196 7.68 19.38 -41.05
CA ASP B 196 6.90 20.60 -40.90
C ASP B 196 5.85 20.70 -41.98
N TYR B 197 4.67 21.21 -41.61
CA TYR B 197 3.56 21.37 -42.55
C TYR B 197 3.07 20.05 -43.12
N ALA B 198 3.34 18.96 -42.40
CA ALA B 198 2.98 17.64 -42.87
C ALA B 198 1.48 17.55 -43.13
N PHE B 199 0.73 18.47 -42.51
CA PHE B 199 -0.72 18.51 -42.68
C PHE B 199 -1.18 19.93 -42.99
N GLY B 200 -0.49 20.56 -43.93
CA GLY B 200 -0.68 21.97 -44.25
C GLY B 200 -2.11 22.46 -44.37
N ASN B 201 -2.80 21.97 -45.39
CA ASN B 201 -4.13 22.51 -45.71
C ASN B 201 -5.30 21.95 -44.90
N LEU B 202 -5.27 20.66 -44.61
CA LEU B 202 -6.44 19.97 -44.04
C LEU B 202 -6.93 20.59 -42.72
N SER B 203 -7.25 21.88 -42.77
CA SER B 203 -7.61 22.64 -41.59
C SER B 203 -8.92 22.19 -40.96
N SER B 204 -9.67 21.38 -41.68
CA SER B 204 -10.95 20.89 -41.19
C SER B 204 -10.77 19.74 -40.21
N LEU B 205 -9.55 19.18 -40.19
CA LEU B 205 -9.26 18.03 -39.34
C LEU B 205 -9.56 18.33 -37.87
N VAL B 206 -10.35 17.45 -37.26
CA VAL B 206 -10.73 17.58 -35.86
C VAL B 206 -10.11 16.46 -35.04
N VAL B 207 -9.92 15.32 -35.68
CA VAL B 207 -9.37 14.14 -35.02
C VAL B 207 -8.17 13.58 -35.76
N LEU B 208 -7.03 13.55 -35.08
CA LEU B 208 -5.81 12.99 -35.66
C LEU B 208 -5.31 11.84 -34.80
N HIS B 209 -5.07 10.69 -35.44
CA HIS B 209 -4.64 9.49 -34.74
C HIS B 209 -3.31 8.98 -35.29
N LEU B 210 -2.28 8.94 -34.44
CA LEU B 210 -0.96 8.53 -34.88
C LEU B 210 -0.32 7.51 -33.92
N HIS B 211 -1.14 6.83 -33.13
CA HIS B 211 -0.62 5.94 -32.11
C HIS B 211 -0.05 4.65 -32.70
N ASN B 212 0.54 3.83 -31.84
CA ASN B 212 1.24 2.60 -32.23
C ASN B 212 2.13 2.76 -33.47
N ASN B 213 2.94 3.81 -33.48
CA ASN B 213 3.89 4.03 -34.56
C ASN B 213 5.30 4.08 -34.00
N ARG B 214 6.25 4.57 -34.79
CA ARG B 214 7.61 4.65 -34.30
C ARG B 214 8.07 6.11 -34.38
N ILE B 215 7.25 7.02 -33.83
CA ILE B 215 7.53 8.45 -33.91
C ILE B 215 8.59 8.83 -32.92
N HIS B 216 9.74 9.26 -33.43
CA HIS B 216 10.86 9.62 -32.58
C HIS B 216 11.06 11.12 -32.52
N SER B 217 10.89 11.77 -33.68
CA SER B 217 11.14 13.19 -33.78
C SER B 217 10.15 13.87 -34.72
N LEU B 218 9.79 15.10 -34.36
CA LEU B 218 8.93 15.93 -35.19
C LEU B 218 9.51 17.33 -35.33
N GLY B 219 9.06 18.06 -36.34
CA GLY B 219 9.56 19.41 -36.56
C GLY B 219 8.96 20.38 -35.56
N LYS B 220 9.51 21.59 -35.51
CA LYS B 220 8.98 22.61 -34.62
C LYS B 220 7.62 23.08 -35.15
N LYS B 221 7.47 23.03 -36.48
CA LYS B 221 6.22 23.45 -37.11
C LYS B 221 5.52 22.37 -37.92
N CYS B 222 5.15 21.27 -37.29
CA CYS B 222 4.38 20.26 -38.00
C CYS B 222 2.89 20.60 -37.93
N PHE B 223 2.36 20.71 -36.71
CA PHE B 223 0.92 20.75 -36.49
C PHE B 223 0.29 22.10 -36.85
N ASP B 224 1.06 23.00 -37.44
CA ASP B 224 0.59 24.37 -37.66
C ASP B 224 -0.53 24.40 -38.70
N GLY B 225 -0.66 23.33 -39.47
CA GLY B 225 -1.72 23.19 -40.44
C GLY B 225 -3.14 23.28 -39.88
N LEU B 226 -3.54 22.23 -39.15
CA LEU B 226 -4.92 22.13 -38.67
C LEU B 226 -5.25 23.13 -37.57
N HIS B 227 -6.11 24.09 -37.89
CA HIS B 227 -6.57 25.06 -36.90
C HIS B 227 -7.84 24.59 -36.17
N SER B 228 -8.41 23.48 -36.63
CA SER B 228 -9.64 22.99 -36.02
C SER B 228 -9.44 21.67 -35.28
N LEU B 229 -8.18 21.27 -35.10
CA LEU B 229 -7.90 19.99 -34.44
C LEU B 229 -8.28 20.07 -32.96
N GLU B 230 -8.96 19.04 -32.48
CA GLU B 230 -9.41 19.00 -31.10
C GLU B 230 -8.88 17.80 -30.35
N THR B 231 -8.59 16.72 -31.08
CA THR B 231 -8.03 15.53 -30.47
C THR B 231 -6.74 15.12 -31.18
N LEU B 232 -5.80 14.59 -30.40
CA LEU B 232 -4.52 14.14 -30.93
C LEU B 232 -4.04 12.89 -30.20
N ASP B 233 -3.56 11.90 -30.95
CA ASP B 233 -3.09 10.65 -30.38
C ASP B 233 -1.65 10.33 -30.79
N LEU B 234 -0.72 10.42 -29.83
CA LEU B 234 0.68 10.07 -30.07
C LEU B 234 1.13 8.89 -29.20
N ASN B 235 0.16 8.24 -28.58
CA ASN B 235 0.43 7.16 -27.64
C ASN B 235 1.19 5.98 -28.27
N TYR B 236 1.85 5.20 -27.44
CA TYR B 236 2.66 4.05 -27.87
C TYR B 236 3.62 4.41 -28.99
N ASN B 237 4.52 5.35 -28.71
CA ASN B 237 5.49 5.80 -29.71
C ASN B 237 6.87 6.01 -29.09
N ASN B 238 7.82 6.48 -29.89
CA ASN B 238 9.21 6.55 -29.42
C ASN B 238 9.83 7.95 -29.41
N LEU B 239 9.08 8.96 -29.00
CA LEU B 239 9.65 10.31 -28.91
C LEU B 239 10.45 10.47 -27.62
N ASP B 240 11.56 11.19 -27.73
CA ASP B 240 12.48 11.37 -26.60
C ASP B 240 12.16 12.63 -25.80
N GLU B 241 11.71 13.68 -26.48
CA GLU B 241 11.47 14.95 -25.84
C GLU B 241 10.00 15.36 -25.96
N PHE B 242 9.59 16.31 -25.12
CA PHE B 242 8.24 16.84 -25.18
C PHE B 242 7.99 17.54 -26.51
N PRO B 243 6.87 17.20 -27.16
CA PRO B 243 6.49 17.81 -28.43
C PRO B 243 5.99 19.25 -28.26
N THR B 244 6.87 20.21 -28.55
CA THR B 244 6.53 21.62 -28.37
C THR B 244 5.67 22.17 -29.51
N ALA B 245 5.55 21.40 -30.58
CA ALA B 245 4.71 21.78 -31.72
C ALA B 245 3.24 21.84 -31.30
N ILE B 246 2.93 21.19 -30.19
CA ILE B 246 1.61 21.18 -29.59
C ILE B 246 1.07 22.59 -29.31
N ARG B 247 1.99 23.52 -29.04
CA ARG B 247 1.65 24.88 -28.62
C ARG B 247 0.71 25.60 -29.57
N THR B 248 0.82 25.34 -30.87
CA THR B 248 0.07 26.11 -31.86
C THR B 248 -1.39 25.65 -32.01
N LEU B 249 -1.74 24.51 -31.40
CA LEU B 249 -3.10 23.97 -31.50
C LEU B 249 -4.04 24.48 -30.41
N SER B 250 -4.54 25.70 -30.60
CA SER B 250 -5.44 26.34 -29.64
C SER B 250 -6.66 25.49 -29.30
N ASN B 251 -7.36 25.01 -30.32
CA ASN B 251 -8.64 24.32 -30.12
C ASN B 251 -8.51 22.90 -29.58
N LEU B 252 -7.28 22.44 -29.35
CA LEU B 252 -7.05 21.08 -28.87
C LEU B 252 -7.69 20.85 -27.50
N LYS B 253 -8.42 19.75 -27.38
CA LYS B 253 -9.17 19.45 -26.17
C LYS B 253 -8.62 18.21 -25.51
N GLU B 254 -8.39 17.17 -26.31
CA GLU B 254 -7.81 15.95 -25.79
C GLU B 254 -6.43 15.72 -26.37
N LEU B 255 -5.52 15.21 -25.55
CA LEU B 255 -4.20 14.88 -26.03
C LEU B 255 -3.56 13.70 -25.29
N GLY B 256 -2.98 12.78 -26.06
CA GLY B 256 -2.32 11.62 -25.49
C GLY B 256 -0.94 11.37 -26.04
N PHE B 257 0.05 11.29 -25.16
CA PHE B 257 1.40 10.90 -25.57
C PHE B 257 2.02 9.93 -24.55
N HIS B 258 1.24 8.96 -24.11
CA HIS B 258 1.71 8.00 -23.10
C HIS B 258 2.50 6.86 -23.76
N SER B 259 3.09 6.03 -22.91
CA SER B 259 3.90 4.88 -23.34
C SER B 259 5.00 5.27 -24.33
N ASN B 260 5.56 6.46 -24.13
CA ASN B 260 6.68 6.92 -24.94
C ASN B 260 7.98 6.95 -24.14
N ASN B 261 8.88 7.84 -24.54
CA ASN B 261 10.14 8.03 -23.83
C ASN B 261 10.49 9.50 -23.58
N ILE B 262 9.57 10.25 -22.99
CA ILE B 262 9.82 11.63 -22.58
C ILE B 262 10.48 11.65 -21.20
N ARG B 263 11.33 12.62 -20.91
CA ARG B 263 11.98 12.61 -19.61
C ARG B 263 11.34 13.66 -18.70
N SER B 264 10.87 14.74 -19.31
CA SER B 264 10.38 15.87 -18.55
C SER B 264 9.37 16.74 -19.30
N ILE B 265 8.46 17.35 -18.55
CA ILE B 265 7.57 18.37 -19.07
C ILE B 265 8.19 19.75 -18.78
N PRO B 266 8.45 20.53 -19.83
CA PRO B 266 9.09 21.84 -19.66
C PRO B 266 8.11 22.89 -19.13
N GLU B 267 8.64 24.01 -18.67
CA GLU B 267 7.82 25.13 -18.18
C GLU B 267 6.94 25.66 -19.30
N LYS B 268 5.68 25.99 -18.96
CA LYS B 268 4.66 26.45 -19.90
C LYS B 268 4.59 25.50 -21.11
N ALA B 269 4.23 24.26 -20.83
CA ALA B 269 4.14 23.23 -21.86
C ALA B 269 2.81 23.30 -22.59
N PHE B 270 1.73 23.42 -21.83
CA PHE B 270 0.40 23.47 -22.42
C PHE B 270 -0.15 24.88 -22.40
N VAL B 271 0.74 25.86 -22.44
CA VAL B 271 0.34 27.26 -22.48
C VAL B 271 -0.47 27.58 -23.74
N GLY B 272 -0.05 26.99 -24.86
CA GLY B 272 -0.67 27.29 -26.14
C GLY B 272 -1.96 26.54 -26.37
N ASN B 273 -2.32 25.69 -25.42
CA ASN B 273 -3.53 24.89 -25.56
C ASN B 273 -4.48 25.03 -24.36
N PRO B 274 -5.11 26.20 -24.22
CA PRO B 274 -6.18 26.30 -23.23
C PRO B 274 -7.36 25.48 -23.70
N SER B 275 -8.37 25.28 -22.86
CA SER B 275 -9.50 24.44 -23.19
C SER B 275 -9.05 23.00 -23.50
N LEU B 276 -7.96 22.58 -22.88
CA LEU B 276 -7.60 21.16 -22.79
C LEU B 276 -8.41 20.50 -21.68
N ILE B 277 -9.00 19.33 -21.93
CA ILE B 277 -9.79 18.66 -20.88
C ILE B 277 -9.05 17.52 -20.18
N THR B 278 -8.53 16.59 -20.96
CA THR B 278 -7.85 15.44 -20.44
C THR B 278 -6.49 15.26 -21.13
N ILE B 279 -5.49 14.81 -20.38
CA ILE B 279 -4.17 14.59 -20.91
C ILE B 279 -3.68 13.19 -20.54
N HIS B 280 -2.98 12.52 -21.46
CA HIS B 280 -2.48 11.15 -21.24
C HIS B 280 -0.98 11.09 -21.50
N PHE B 281 -0.23 10.68 -20.47
CA PHE B 281 1.22 10.67 -20.54
C PHE B 281 1.89 9.56 -19.72
N TYR B 282 1.09 8.64 -19.21
CA TYR B 282 1.60 7.67 -18.24
C TYR B 282 2.56 6.66 -18.86
N ASP B 283 3.21 5.87 -18.01
CA ASP B 283 4.15 4.84 -18.43
C ASP B 283 5.29 5.43 -19.25
N ASN B 284 5.50 6.73 -19.03
CA ASN B 284 6.60 7.46 -19.62
C ASN B 284 7.56 7.83 -18.49
N PRO B 285 8.87 7.62 -18.69
CA PRO B 285 9.82 7.95 -17.62
C PRO B 285 9.94 9.45 -17.36
N ILE B 286 8.86 10.03 -16.85
CA ILE B 286 8.87 11.45 -16.54
C ILE B 286 9.60 11.63 -15.22
N GLN B 287 10.55 12.57 -15.21
CA GLN B 287 11.39 12.78 -14.05
C GLN B 287 11.18 14.17 -13.47
N PHE B 288 11.15 15.17 -14.34
CA PHE B 288 10.93 16.54 -13.89
C PHE B 288 9.65 17.08 -14.52
N VAL B 289 8.91 17.84 -13.74
CA VAL B 289 7.75 18.55 -14.24
C VAL B 289 7.92 20.00 -13.84
N GLY B 290 7.66 20.90 -14.78
CA GLY B 290 7.77 22.31 -14.53
C GLY B 290 6.86 22.78 -13.42
N ARG B 291 7.28 23.82 -12.73
CA ARG B 291 6.47 24.42 -11.68
C ARG B 291 5.15 24.89 -12.26
N SER B 292 5.25 25.77 -13.25
CA SER B 292 4.10 26.38 -13.90
C SER B 292 3.63 25.59 -15.11
N ALA B 293 4.22 24.40 -15.31
CA ALA B 293 3.93 23.57 -16.47
C ALA B 293 2.44 23.30 -16.68
N PHE B 294 1.68 23.24 -15.60
CA PHE B 294 0.27 22.92 -15.69
C PHE B 294 -0.62 24.11 -15.34
N GLN B 295 -0.19 25.29 -15.75
CA GLN B 295 -0.97 26.49 -15.52
C GLN B 295 -1.96 26.73 -16.64
N HIS B 296 -3.03 27.45 -16.34
CA HIS B 296 -4.00 27.91 -17.33
C HIS B 296 -4.58 26.81 -18.21
N LEU B 297 -5.34 25.92 -17.57
CA LEU B 297 -6.12 24.90 -18.24
C LEU B 297 -7.44 24.79 -17.50
N PRO B 298 -8.29 25.83 -17.62
CA PRO B 298 -9.45 26.06 -16.76
C PRO B 298 -10.40 24.88 -16.66
N GLU B 299 -10.41 24.03 -17.68
CA GLU B 299 -11.36 22.93 -17.70
C GLU B 299 -10.70 21.59 -17.42
N LEU B 300 -9.39 21.59 -17.15
CA LEU B 300 -8.72 20.36 -16.78
C LEU B 300 -9.35 19.80 -15.51
N ARG B 301 -9.65 18.51 -15.55
CA ARG B 301 -10.40 17.85 -14.49
C ARG B 301 -9.55 16.85 -13.70
N THR B 302 -8.58 16.22 -14.34
CA THR B 302 -7.92 15.06 -13.74
C THR B 302 -6.40 15.25 -13.65
N LEU B 303 -5.77 14.68 -12.63
CA LEU B 303 -4.32 14.56 -12.69
C LEU B 303 -3.72 13.45 -11.83
N THR B 304 -2.62 12.93 -12.35
CA THR B 304 -1.84 11.84 -11.74
C THR B 304 -0.39 12.03 -12.16
N LEU B 305 0.51 12.11 -11.18
CA LEU B 305 1.93 12.27 -11.44
C LEU B 305 2.74 11.33 -10.55
N ASN B 306 3.10 10.18 -11.08
CA ASN B 306 3.80 9.17 -10.29
C ASN B 306 5.31 9.12 -10.55
N GLY B 307 6.08 9.15 -9.48
CA GLY B 307 7.51 8.88 -9.58
C GLY B 307 8.37 9.98 -10.18
N ALA B 308 7.93 11.24 -10.05
CA ALA B 308 8.73 12.34 -10.57
C ALA B 308 9.71 12.85 -9.51
N SER B 309 10.85 12.18 -9.39
CA SER B 309 11.80 12.40 -8.30
C SER B 309 12.38 13.82 -8.20
N GLN B 310 12.76 14.41 -9.33
CA GLN B 310 13.44 15.69 -9.30
C GLN B 310 12.47 16.81 -8.94
N ILE B 311 11.17 16.50 -8.91
CA ILE B 311 10.20 17.48 -8.44
C ILE B 311 10.48 17.77 -6.97
N THR B 312 10.85 19.01 -6.68
CA THR B 312 11.15 19.45 -5.33
C THR B 312 10.17 20.54 -4.93
N GLU B 313 9.28 20.86 -5.87
CA GLU B 313 8.34 21.95 -5.69
C GLU B 313 6.91 21.51 -5.90
N PHE B 314 5.97 22.16 -5.22
CA PHE B 314 4.57 21.97 -5.55
C PHE B 314 4.30 22.77 -6.82
N PRO B 315 3.57 22.18 -7.77
CA PRO B 315 3.36 22.85 -9.06
C PRO B 315 2.37 23.99 -8.96
N ASP B 316 2.54 25.00 -9.80
CA ASP B 316 1.64 26.14 -9.79
C ASP B 316 0.39 25.74 -10.58
N LEU B 317 -0.78 26.14 -10.07
CA LEU B 317 -2.04 25.80 -10.69
C LEU B 317 -2.95 27.01 -10.82
N THR B 318 -2.38 28.11 -11.30
CA THR B 318 -3.16 29.33 -11.51
C THR B 318 -3.98 29.18 -12.78
N GLY B 319 -5.25 29.55 -12.70
CA GLY B 319 -6.13 29.44 -13.85
C GLY B 319 -6.54 28.01 -14.14
N THR B 320 -6.36 27.14 -13.15
CA THR B 320 -6.73 25.73 -13.28
C THR B 320 -7.46 25.26 -12.03
N ALA B 321 -8.60 25.87 -11.73
CA ALA B 321 -9.20 25.71 -10.41
C ALA B 321 -10.29 24.65 -10.36
N ASN B 322 -10.62 24.05 -11.50
CA ASN B 322 -11.70 23.07 -11.53
C ASN B 322 -11.22 21.64 -11.64
N LEU B 323 -10.02 21.38 -11.12
CA LEU B 323 -9.54 20.01 -11.03
C LEU B 323 -10.29 19.28 -9.92
N GLU B 324 -10.55 17.98 -10.14
CA GLU B 324 -11.30 17.17 -9.17
C GLU B 324 -10.44 16.09 -8.51
N SER B 325 -9.33 15.74 -9.16
CA SER B 325 -8.45 14.69 -8.65
C SER B 325 -6.97 15.00 -8.89
N LEU B 326 -6.31 15.47 -7.83
CA LEU B 326 -4.87 15.75 -7.86
C LEU B 326 -4.08 14.74 -7.05
N THR B 327 -3.15 14.04 -7.70
CA THR B 327 -2.24 13.15 -6.97
C THR B 327 -0.80 13.30 -7.48
N LEU B 328 0.13 13.51 -6.55
CA LEU B 328 1.52 13.78 -6.90
C LEU B 328 2.44 12.99 -5.97
N THR B 329 3.15 12.01 -6.53
CA THR B 329 3.87 11.03 -5.72
C THR B 329 5.33 10.79 -6.10
N GLY B 330 6.03 10.07 -5.22
CA GLY B 330 7.36 9.56 -5.49
C GLY B 330 8.37 10.64 -5.80
N ALA B 331 8.21 11.79 -5.18
CA ALA B 331 9.06 12.94 -5.46
C ALA B 331 9.79 13.35 -4.21
N GLN B 332 10.33 14.56 -4.21
CA GLN B 332 11.03 15.09 -3.06
C GLN B 332 10.57 16.50 -2.71
N ILE B 333 9.27 16.67 -2.58
CA ILE B 333 8.71 17.93 -2.15
C ILE B 333 9.11 18.15 -0.70
N SER B 334 9.32 19.40 -0.29
CA SER B 334 9.74 19.71 1.08
C SER B 334 8.56 20.04 1.98
N SER B 335 7.70 20.94 1.50
CA SER B 335 6.51 21.35 2.22
C SER B 335 5.57 22.07 1.27
N LEU B 336 4.40 22.44 1.76
CA LEU B 336 3.42 23.15 0.95
C LEU B 336 3.32 24.62 1.29
N PRO B 337 3.13 25.46 0.27
CA PRO B 337 2.83 26.88 0.48
C PRO B 337 1.61 27.09 1.39
N GLN B 338 1.61 28.20 2.14
CA GLN B 338 0.55 28.50 3.11
C GLN B 338 -0.85 28.29 2.52
N THR B 339 -1.17 29.08 1.52
CA THR B 339 -2.51 29.12 0.95
C THR B 339 -2.74 28.10 -0.16
N VAL B 340 -1.93 27.05 -0.24
CA VAL B 340 -1.95 26.08 -1.34
C VAL B 340 -3.32 25.82 -1.98
N CYS B 341 -4.34 25.65 -1.13
CA CYS B 341 -5.65 25.23 -1.58
C CYS B 341 -6.47 26.34 -2.24
N ASN B 342 -6.11 27.60 -1.99
CA ASN B 342 -6.78 28.74 -2.64
C ASN B 342 -6.91 28.56 -4.16
N GLN B 343 -5.87 28.02 -4.78
CA GLN B 343 -5.87 27.74 -6.21
C GLN B 343 -6.72 26.52 -6.53
N LEU B 344 -7.13 25.84 -5.48
CA LEU B 344 -7.65 24.51 -5.63
C LEU B 344 -9.03 24.31 -4.95
N PRO B 345 -10.08 24.93 -5.51
CA PRO B 345 -11.39 24.38 -5.13
C PRO B 345 -11.83 23.28 -6.09
N ASN B 346 -13.10 22.88 -6.02
CA ASN B 346 -13.73 21.91 -6.92
C ASN B 346 -13.13 20.51 -6.97
N LEU B 347 -11.97 20.34 -6.34
CA LEU B 347 -11.33 19.02 -6.22
C LEU B 347 -12.01 18.15 -5.17
N GLN B 348 -11.79 16.85 -5.21
CA GLN B 348 -12.35 15.97 -4.17
C GLN B 348 -11.34 14.97 -3.61
N VAL B 349 -10.43 14.50 -4.47
CA VAL B 349 -9.44 13.54 -4.01
C VAL B 349 -8.03 14.12 -4.05
N LEU B 350 -7.29 13.91 -2.97
CA LEU B 350 -5.92 14.38 -2.86
C LEU B 350 -5.00 13.25 -2.41
N ASP B 351 -3.87 13.13 -3.09
CA ASP B 351 -2.90 12.07 -2.79
C ASP B 351 -1.48 12.59 -2.97
N LEU B 352 -0.86 12.95 -1.86
CA LEU B 352 0.49 13.48 -1.87
C LEU B 352 1.43 12.51 -1.15
N SER B 353 1.16 11.22 -1.31
CA SER B 353 1.90 10.18 -0.63
C SER B 353 3.34 10.02 -1.13
N TYR B 354 4.17 9.42 -0.28
CA TYR B 354 5.54 9.03 -0.62
C TYR B 354 6.45 10.20 -0.97
N ASN B 355 6.47 11.18 -0.07
CA ASN B 355 7.30 12.36 -0.26
C ASN B 355 7.85 12.86 1.07
N LEU B 356 8.51 14.03 1.04
CA LEU B 356 9.13 14.56 2.25
C LEU B 356 8.32 15.73 2.81
N LEU B 357 7.12 15.41 3.30
CA LEU B 357 6.22 16.42 3.90
C LEU B 357 6.37 16.42 5.40
N GLU B 358 6.65 17.59 5.96
CA GLU B 358 6.88 17.71 7.40
C GLU B 358 5.81 18.59 8.02
N ASP B 359 5.76 19.86 7.61
CA ASP B 359 4.67 20.73 8.06
C ASP B 359 3.46 20.57 7.17
N LEU B 360 2.30 20.94 7.69
CA LEU B 360 1.04 20.81 6.96
C LEU B 360 0.26 22.12 6.94
N PRO B 361 -0.30 22.47 5.78
CA PRO B 361 -1.13 23.67 5.59
C PRO B 361 -2.47 23.57 6.31
N SER B 362 -3.39 24.43 5.89
CA SER B 362 -4.69 24.51 6.52
C SER B 362 -5.62 23.39 6.06
N PHE B 363 -5.70 23.20 4.74
CA PHE B 363 -6.65 22.27 4.11
C PHE B 363 -8.09 22.76 4.32
N SER B 364 -8.23 23.82 5.12
CA SER B 364 -9.52 24.40 5.47
C SER B 364 -10.29 24.86 4.25
N VAL B 365 -9.75 25.85 3.54
CA VAL B 365 -10.40 26.43 2.38
C VAL B 365 -10.68 25.36 1.32
N CYS B 366 -9.75 24.40 1.20
CA CYS B 366 -9.90 23.34 0.20
C CYS B 366 -10.97 22.37 0.66
N GLN B 367 -12.21 22.85 0.70
CA GLN B 367 -13.38 22.07 1.08
C GLN B 367 -13.73 20.96 0.09
N LYS B 368 -14.93 20.41 0.26
CA LYS B 368 -15.51 19.40 -0.63
C LYS B 368 -14.57 18.22 -0.85
N LEU B 369 -13.47 18.22 -0.11
CA LEU B 369 -12.54 17.13 -0.10
C LEU B 369 -13.25 15.88 0.36
N GLN B 370 -12.97 14.75 -0.30
CA GLN B 370 -13.70 13.53 -0.01
C GLN B 370 -12.73 12.44 0.40
N LYS B 371 -11.55 12.45 -0.20
CA LYS B 371 -10.56 11.43 0.12
C LYS B 371 -9.16 12.04 0.13
N ILE B 372 -8.37 11.69 1.14
CA ILE B 372 -7.00 12.21 1.27
C ILE B 372 -6.03 11.05 1.55
N ASP B 373 -4.83 11.14 1.01
CA ASP B 373 -3.79 10.15 1.27
C ASP B 373 -2.41 10.81 1.41
N LEU B 374 -1.91 10.84 2.65
CA LEU B 374 -0.63 11.46 2.94
C LEU B 374 0.35 10.49 3.59
N ARG B 375 0.25 9.22 3.25
CA ARG B 375 1.11 8.22 3.89
C ARG B 375 2.57 8.34 3.42
N HIS B 376 3.46 7.70 4.17
CA HIS B 376 4.90 7.75 3.93
C HIS B 376 5.44 9.15 3.70
N ASN B 377 5.14 10.05 4.62
CA ASN B 377 5.75 11.37 4.65
C ASN B 377 6.47 11.56 5.97
N GLU B 378 7.26 12.62 6.09
CA GLU B 378 7.94 12.89 7.35
C GLU B 378 7.11 13.85 8.19
N ILE B 379 5.82 13.54 8.34
CA ILE B 379 4.92 14.37 9.14
C ILE B 379 5.01 13.96 10.60
N TYR B 380 5.46 14.90 11.44
CA TYR B 380 5.69 14.60 12.85
C TYR B 380 4.53 15.06 13.73
N GLU B 381 3.58 15.76 13.13
CA GLU B 381 2.58 16.47 13.92
C GLU B 381 1.29 16.73 13.15
N ILE B 382 0.19 16.79 13.89
CA ILE B 382 -1.08 17.23 13.34
C ILE B 382 -1.59 18.41 14.16
N LYS B 383 -1.71 19.56 13.51
CA LYS B 383 -2.21 20.76 14.18
C LYS B 383 -3.73 20.71 14.25
N VAL B 384 -4.36 21.72 14.82
CA VAL B 384 -5.82 21.71 14.94
C VAL B 384 -6.52 21.97 13.59
N ASP B 385 -6.25 23.12 12.98
CA ASP B 385 -6.92 23.55 11.74
C ASP B 385 -6.56 22.71 10.52
N THR B 386 -5.45 21.97 10.58
CA THR B 386 -4.88 21.32 9.40
C THR B 386 -5.88 20.39 8.69
N PHE B 387 -6.98 20.10 9.36
CA PHE B 387 -8.06 19.36 8.73
C PHE B 387 -9.39 20.00 9.10
N GLN B 388 -9.36 21.28 9.41
CA GLN B 388 -10.58 21.94 9.84
C GLN B 388 -11.61 22.14 8.74
N GLN B 389 -12.86 21.87 9.10
CA GLN B 389 -14.01 22.14 8.26
C GLN B 389 -13.88 21.44 6.91
N LEU B 390 -13.81 20.12 6.94
CA LEU B 390 -13.89 19.31 5.72
C LEU B 390 -15.15 18.48 5.82
N LEU B 391 -16.26 19.12 5.50
CA LEU B 391 -17.59 18.56 5.75
C LEU B 391 -17.86 17.41 4.80
N SER B 392 -17.09 17.34 3.72
CA SER B 392 -17.25 16.29 2.74
C SER B 392 -16.22 15.17 2.88
N LEU B 393 -15.20 15.38 3.71
CA LEU B 393 -14.11 14.41 3.81
C LEU B 393 -14.61 13.08 4.32
N ARG B 394 -14.21 12.02 3.63
CA ARG B 394 -14.72 10.68 3.86
C ARG B 394 -13.60 9.73 4.31
N SER B 395 -12.44 9.87 3.69
CA SER B 395 -11.29 9.02 4.00
C SER B 395 -10.03 9.83 4.28
N LEU B 396 -9.36 9.52 5.40
CA LEU B 396 -8.12 10.19 5.76
C LEU B 396 -7.04 9.17 6.13
N ASN B 397 -5.97 9.10 5.34
CA ASN B 397 -4.88 8.19 5.64
C ASN B 397 -3.60 8.97 5.96
N LEU B 398 -3.07 8.75 7.16
CA LEU B 398 -1.84 9.38 7.61
C LEU B 398 -0.84 8.34 8.08
N ALA B 399 -0.94 7.13 7.55
CA ALA B 399 -0.09 6.03 7.95
C ALA B 399 1.38 6.25 7.60
N TRP B 400 2.26 5.52 8.27
CA TRP B 400 3.70 5.56 8.01
C TRP B 400 4.28 6.97 8.04
N ASN B 401 3.90 7.73 9.04
CA ASN B 401 4.46 9.05 9.27
C ASN B 401 5.22 9.09 10.59
N LYS B 402 5.70 10.27 10.96
CA LYS B 402 6.42 10.41 12.22
C LYS B 402 5.59 11.13 13.27
N ILE B 403 4.27 10.90 13.24
CA ILE B 403 3.32 11.68 14.03
C ILE B 403 3.41 11.35 15.51
N ALA B 404 4.11 12.20 16.24
CA ALA B 404 4.29 12.02 17.67
C ALA B 404 3.08 12.49 18.46
N ILE B 405 2.47 13.59 18.01
CA ILE B 405 1.46 14.27 18.81
C ILE B 405 0.28 14.78 17.99
N ILE B 406 -0.93 14.60 18.54
CA ILE B 406 -2.14 15.16 17.96
C ILE B 406 -2.85 16.12 18.92
N HIS B 407 -3.04 17.35 18.49
CA HIS B 407 -3.89 18.28 19.24
C HIS B 407 -5.32 17.72 19.18
N PRO B 408 -5.98 17.59 20.34
CA PRO B 408 -7.21 16.80 20.47
C PRO B 408 -8.36 17.21 19.54
N ASN B 409 -8.54 18.51 19.33
CA ASN B 409 -9.68 19.00 18.53
C ASN B 409 -9.45 18.97 17.02
N ALA B 410 -8.30 18.46 16.59
CA ALA B 410 -7.98 18.37 15.16
C ALA B 410 -9.06 17.67 14.34
N PHE B 411 -9.73 16.71 14.96
CA PHE B 411 -10.73 15.91 14.25
C PHE B 411 -12.14 16.24 14.71
N SER B 412 -12.25 17.30 15.52
CA SER B 412 -13.55 17.69 16.08
C SER B 412 -14.56 18.04 14.99
N THR B 413 -14.07 18.39 13.81
CA THR B 413 -14.92 18.93 12.76
C THR B 413 -14.83 18.19 11.44
N LEU B 414 -15.14 16.89 11.43
CA LEU B 414 -15.13 16.12 10.19
C LEU B 414 -16.22 15.06 10.27
N PRO B 415 -17.49 15.49 10.17
CA PRO B 415 -18.59 14.52 10.27
C PRO B 415 -18.51 13.41 9.22
N SER B 416 -18.34 13.78 7.96
CA SER B 416 -18.44 12.82 6.85
C SER B 416 -17.33 11.77 6.87
N LEU B 417 -16.41 11.89 7.83
CA LEU B 417 -15.30 10.96 7.94
C LEU B 417 -15.80 9.60 8.41
N ILE B 418 -15.38 8.55 7.72
CA ILE B 418 -15.78 7.19 8.08
C ILE B 418 -14.61 6.20 8.16
N LYS B 419 -13.55 6.45 7.40
CA LYS B 419 -12.38 5.57 7.47
C LYS B 419 -11.11 6.36 7.72
N LEU B 420 -10.37 5.95 8.75
CA LEU B 420 -9.22 6.68 9.25
C LEU B 420 -8.03 5.76 9.53
N ASP B 421 -6.84 6.15 9.08
CA ASP B 421 -5.62 5.39 9.40
C ASP B 421 -4.49 6.26 9.95
N LEU B 422 -3.92 5.80 11.06
CA LEU B 422 -2.75 6.42 11.69
C LEU B 422 -1.69 5.35 11.97
N SER B 423 -1.64 4.34 11.10
CA SER B 423 -0.73 3.22 11.24
C SER B 423 0.73 3.63 11.17
N SER B 424 1.58 2.84 11.78
CA SER B 424 3.03 3.02 11.72
C SER B 424 3.47 4.43 12.11
N ASN B 425 3.00 4.88 13.27
CA ASN B 425 3.28 6.23 13.73
C ASN B 425 3.91 6.17 15.12
N LEU B 426 4.10 7.33 15.73
CA LEU B 426 4.67 7.39 17.07
C LEU B 426 3.67 8.05 18.02
N LEU B 427 2.47 7.47 18.11
CA LEU B 427 1.44 8.05 18.95
C LEU B 427 1.44 7.40 20.32
N SER B 428 1.07 8.18 21.34
CA SER B 428 1.02 7.68 22.71
C SER B 428 -0.41 7.68 23.23
N SER B 429 -1.14 8.75 22.95
CA SER B 429 -2.54 8.90 23.33
C SER B 429 -3.43 8.99 22.08
N PHE B 430 -4.71 9.31 22.27
CA PHE B 430 -5.68 9.35 21.19
C PHE B 430 -6.71 10.44 21.59
N PRO B 431 -7.04 11.35 20.64
CA PRO B 431 -8.00 12.47 20.78
C PRO B 431 -9.39 11.87 20.89
N ILE B 432 -10.47 12.59 21.15
CA ILE B 432 -11.76 11.89 21.23
C ILE B 432 -12.89 12.68 20.62
N THR B 433 -12.74 14.00 20.76
CA THR B 433 -13.71 14.98 20.34
C THR B 433 -14.17 14.80 18.90
N GLY B 434 -15.46 15.06 18.66
CA GLY B 434 -16.06 14.82 17.37
C GLY B 434 -15.84 13.36 17.00
N LEU B 435 -15.64 13.12 15.71
CA LEU B 435 -15.18 11.82 15.22
C LEU B 435 -16.25 10.74 15.38
N HIS B 436 -16.73 10.57 16.61
CA HIS B 436 -17.65 9.49 16.99
C HIS B 436 -18.62 9.09 15.88
N GLY B 437 -18.54 7.83 15.45
CA GLY B 437 -19.39 7.35 14.38
C GLY B 437 -18.75 7.10 13.01
N LEU B 438 -17.80 6.16 12.93
CA LEU B 438 -17.21 5.79 11.64
C LEU B 438 -17.09 4.26 11.37
N THR B 439 -16.39 3.91 10.28
CA THR B 439 -16.31 2.50 9.85
C THR B 439 -14.89 1.88 9.95
N HIS B 440 -13.83 2.68 9.74
CA HIS B 440 -12.45 2.15 9.80
C HIS B 440 -11.52 2.95 10.73
N LEU B 441 -10.68 2.23 11.48
CA LEU B 441 -9.71 2.85 12.39
C LEU B 441 -8.46 1.96 12.50
N LYS B 442 -7.32 2.50 12.07
CA LYS B 442 -6.09 1.73 11.89
C LYS B 442 -4.91 2.31 12.67
N LEU B 443 -4.31 1.51 13.57
CA LEU B 443 -3.31 2.06 14.49
C LEU B 443 -2.01 1.27 14.79
N THR B 444 -1.57 0.35 13.92
CA THR B 444 -0.35 -0.40 14.22
C THR B 444 0.92 0.47 14.16
N GLY B 445 2.03 -0.09 14.60
CA GLY B 445 3.30 0.63 14.63
C GLY B 445 3.31 1.67 15.73
N ASN B 446 2.16 1.85 16.38
CA ASN B 446 2.03 2.81 17.46
C ASN B 446 2.11 2.11 18.80
N HIS B 447 3.31 1.69 19.15
CA HIS B 447 3.53 0.89 20.35
C HIS B 447 3.28 1.71 21.61
N ALA B 448 3.50 3.01 21.51
CA ALA B 448 3.27 3.92 22.63
C ALA B 448 1.78 4.10 22.93
N LEU B 449 0.93 3.49 22.10
CA LEU B 449 -0.49 3.38 22.38
C LEU B 449 -0.78 2.06 23.09
N GLN B 450 -1.28 2.12 24.32
CA GLN B 450 -1.54 0.92 25.10
C GLN B 450 -2.90 0.98 25.80
N SER B 451 -3.31 2.18 26.19
CA SER B 451 -4.57 2.38 26.92
C SER B 451 -5.77 1.95 26.10
N LEU B 452 -6.89 1.67 26.77
CA LEU B 452 -8.04 1.08 26.12
C LEU B 452 -8.87 2.09 25.33
N ILE B 453 -9.90 1.58 24.66
CA ILE B 453 -10.88 2.37 23.91
C ILE B 453 -12.18 1.58 23.85
N SER B 454 -13.30 2.24 24.09
CA SER B 454 -14.58 1.56 24.26
C SER B 454 -15.36 1.30 22.96
N SER B 455 -16.24 0.32 23.01
CA SER B 455 -17.22 0.07 21.93
C SER B 455 -18.15 1.28 21.88
N GLU B 456 -18.56 1.75 23.06
CA GLU B 456 -19.24 3.04 23.16
C GLU B 456 -18.24 4.10 22.73
N ASN B 457 -18.74 5.31 22.43
CA ASN B 457 -17.95 6.38 21.79
C ASN B 457 -17.18 5.88 20.56
N PHE B 458 -17.56 4.69 20.08
CA PHE B 458 -17.09 4.11 18.83
C PHE B 458 -17.99 2.99 18.35
N PRO B 459 -19.30 3.25 18.13
CA PRO B 459 -20.11 2.14 17.62
C PRO B 459 -19.81 1.90 16.14
N GLU B 460 -20.79 1.47 15.34
CA GLU B 460 -20.66 1.25 13.88
C GLU B 460 -19.26 0.95 13.30
N LEU B 461 -18.27 0.79 14.16
CA LEU B 461 -16.92 0.39 13.80
C LEU B 461 -16.94 -1.10 13.54
N LYS B 462 -16.67 -1.51 12.30
CA LYS B 462 -16.76 -2.92 11.95
C LYS B 462 -15.41 -3.53 11.57
N VAL B 463 -14.53 -2.74 10.93
CA VAL B 463 -13.17 -3.20 10.63
C VAL B 463 -12.11 -2.39 11.38
N ILE B 464 -11.21 -3.11 12.06
CA ILE B 464 -10.30 -2.49 13.02
C ILE B 464 -8.91 -3.14 13.05
N GLU B 465 -7.89 -2.33 13.31
CA GLU B 465 -6.58 -2.86 13.62
C GLU B 465 -6.10 -2.30 14.96
N MET B 466 -5.32 -3.08 15.70
CA MET B 466 -4.83 -2.68 17.02
C MET B 466 -3.38 -3.13 17.17
N PRO B 467 -2.56 -2.37 17.91
CA PRO B 467 -1.19 -2.84 18.12
C PRO B 467 -1.16 -4.13 18.95
N TYR B 468 -2.07 -4.26 19.91
CA TYR B 468 -2.04 -5.39 20.82
C TYR B 468 -3.39 -6.11 20.87
N ALA B 469 -3.33 -7.43 21.03
CA ALA B 469 -4.50 -8.30 21.02
C ALA B 469 -5.51 -7.94 22.10
N TYR B 470 -5.00 -7.45 23.23
CA TYR B 470 -5.78 -7.33 24.44
C TYR B 470 -6.85 -6.24 24.32
N GLN B 471 -6.55 -5.23 23.51
CA GLN B 471 -7.46 -4.13 23.28
C GLN B 471 -8.50 -4.41 22.19
N CYS B 472 -8.21 -5.36 21.31
CA CYS B 472 -9.15 -5.75 20.25
C CYS B 472 -10.44 -6.35 20.77
N CYS B 473 -10.35 -7.20 21.79
CA CYS B 473 -11.54 -7.85 22.34
C CYS B 473 -12.45 -6.82 22.99
N ALA B 474 -11.91 -5.67 23.36
CA ALA B 474 -12.73 -4.56 23.85
C ALA B 474 -13.85 -4.23 22.85
N PHE B 475 -13.69 -4.73 21.63
CA PHE B 475 -14.71 -4.67 20.59
C PHE B 475 -15.22 -6.07 20.26
N GLY B 476 -15.09 -6.98 21.22
CA GLY B 476 -15.70 -8.30 21.13
C GLY B 476 -15.00 -9.37 20.30
N VAL B 477 -13.78 -9.12 19.85
CA VAL B 477 -13.05 -10.18 19.14
C VAL B 477 -11.84 -10.64 19.97
N CYS B 478 -11.92 -11.88 20.45
CA CYS B 478 -10.86 -12.43 21.30
C CYS B 478 -10.73 -13.93 21.10
N VAL B 532 -18.01 -7.96 12.34
CA VAL B 532 -16.95 -7.16 12.94
C VAL B 532 -15.59 -7.82 12.79
N GLN B 533 -14.56 -7.02 12.60
CA GLN B 533 -13.20 -7.52 12.44
C GLN B 533 -12.21 -6.65 13.22
N CYS B 534 -11.15 -7.28 13.72
CA CYS B 534 -10.11 -6.57 14.46
C CYS B 534 -8.84 -7.41 14.52
N SER B 535 -7.78 -6.91 13.89
CA SER B 535 -6.52 -7.62 13.86
C SER B 535 -5.48 -7.02 14.80
N PRO B 536 -5.05 -7.80 15.79
CA PRO B 536 -3.88 -7.42 16.60
C PRO B 536 -2.55 -7.61 15.87
N CYS C 12 -17.32 4.56 40.36
CA CYS C 12 -17.35 3.51 39.34
C CYS C 12 -16.80 2.18 39.86
N ALA C 13 -15.74 2.27 40.67
CA ALA C 13 -15.11 1.12 41.28
C ALA C 13 -13.97 1.64 42.13
N LYS C 14 -13.50 0.83 43.07
CA LYS C 14 -12.40 1.20 43.93
C LYS C 14 -11.16 1.54 43.12
N GLY C 15 -10.61 2.73 43.35
CA GLY C 15 -9.45 3.21 42.62
C GLY C 15 -9.64 3.11 41.11
N CYS C 16 -10.83 3.45 40.65
CA CYS C 16 -11.13 3.42 39.22
C CYS C 16 -11.85 4.69 38.78
N GLU C 17 -11.42 5.28 37.66
CA GLU C 17 -11.98 6.54 37.20
C GLU C 17 -12.98 6.37 36.05
N LEU C 18 -12.68 5.49 35.10
CA LEU C 18 -13.55 5.34 33.95
C LEU C 18 -14.10 3.93 33.84
N CYS C 19 -15.43 3.86 33.70
CA CYS C 19 -16.15 2.60 33.81
C CYS C 19 -17.12 2.39 32.65
N SER C 20 -17.07 1.21 32.04
CA SER C 20 -18.12 0.80 31.14
C SER C 20 -18.72 -0.48 31.73
N GLU C 21 -20.05 -0.59 31.71
CA GLU C 21 -20.68 -1.79 32.25
C GLU C 21 -20.46 -3.01 31.37
N VAL C 22 -20.04 -2.78 30.12
CA VAL C 22 -19.77 -3.86 29.19
C VAL C 22 -18.30 -4.32 29.22
N ASN C 23 -17.36 -3.40 29.42
CA ASN C 23 -15.93 -3.73 29.49
C ASN C 23 -15.37 -3.72 30.92
N GLY C 24 -16.17 -3.25 31.87
CA GLY C 24 -15.70 -3.08 33.24
C GLY C 24 -14.86 -1.82 33.39
N CYS C 25 -13.76 -1.92 34.13
CA CYS C 25 -12.87 -0.78 34.32
C CYS C 25 -12.03 -0.58 33.06
N LEU C 26 -11.93 0.67 32.59
CA LEU C 26 -11.16 0.97 31.41
C LEU C 26 -9.83 1.63 31.79
N LYS C 27 -9.82 2.30 32.94
CA LYS C 27 -8.63 3.01 33.38
C LYS C 27 -8.51 2.95 34.91
N CYS C 28 -7.28 2.96 35.41
CA CYS C 28 -7.03 2.95 36.87
C CYS C 28 -6.42 4.25 37.39
N SER C 29 -6.61 4.48 38.70
CA SER C 29 -6.02 5.63 39.40
C SER C 29 -4.50 5.61 39.19
N PRO C 30 -3.83 6.78 39.27
CA PRO C 30 -2.46 6.94 38.75
C PRO C 30 -1.50 5.76 38.82
N LYS C 31 -1.45 5.04 39.94
CA LYS C 31 -0.34 4.12 40.15
C LYS C 31 -0.77 2.68 40.47
N LEU C 32 -1.96 2.32 39.97
CA LEU C 32 -2.52 0.98 40.10
C LEU C 32 -2.47 0.20 38.80
N PHE C 33 -2.63 -1.12 38.88
CA PHE C 33 -2.51 -1.93 37.67
C PHE C 33 -3.91 -2.32 37.24
N ILE C 34 -4.16 -2.25 35.95
CA ILE C 34 -5.42 -2.71 35.41
C ILE C 34 -5.30 -4.21 35.22
N LEU C 35 -6.36 -4.93 35.53
CA LEU C 35 -6.33 -6.37 35.33
C LEU C 35 -7.38 -6.81 34.31
N LEU C 36 -6.92 -7.55 33.31
CA LEU C 36 -7.84 -8.10 32.33
C LEU C 36 -8.26 -9.46 32.85
N GLU C 37 -9.41 -9.93 32.39
CA GLU C 37 -9.77 -11.32 32.54
C GLU C 37 -10.80 -11.60 31.47
N ARG C 38 -10.63 -12.73 30.78
CA ARG C 38 -11.55 -13.04 29.71
C ARG C 38 -12.72 -13.85 30.23
N ASN C 39 -13.84 -13.19 30.47
CA ASN C 39 -15.02 -13.90 30.91
C ASN C 39 -15.95 -14.10 29.73
N ASP C 40 -15.93 -15.32 29.19
CA ASP C 40 -16.73 -15.73 28.05
C ASP C 40 -16.65 -14.79 26.87
N ILE C 41 -15.43 -14.61 26.36
CA ILE C 41 -15.15 -13.82 25.15
C ILE C 41 -15.74 -12.42 25.30
N ARG C 42 -15.72 -11.96 26.55
CA ARG C 42 -16.01 -10.59 26.92
C ARG C 42 -14.92 -10.22 27.90
N GLN C 43 -14.40 -9.01 27.79
CA GLN C 43 -13.30 -8.62 28.65
C GLN C 43 -13.76 -7.72 29.77
N VAL C 44 -13.07 -7.81 30.90
CA VAL C 44 -13.38 -7.01 32.07
C VAL C 44 -12.12 -6.37 32.63
N GLY C 45 -12.25 -5.18 33.18
CA GLY C 45 -11.12 -4.47 33.75
C GLY C 45 -11.35 -4.33 35.25
N VAL C 46 -10.33 -4.61 36.04
CA VAL C 46 -10.39 -4.40 37.48
C VAL C 46 -9.07 -3.78 37.95
N CYS C 47 -9.10 -3.16 39.11
CA CYS C 47 -7.96 -2.41 39.61
C CYS C 47 -7.36 -3.04 40.87
N LEU C 48 -6.07 -3.33 40.84
CA LEU C 48 -5.44 -3.98 41.99
C LEU C 48 -4.06 -3.39 42.28
N PRO C 49 -3.73 -3.21 43.57
CA PRO C 49 -2.43 -2.66 43.98
C PRO C 49 -1.22 -3.44 43.47
N SER C 50 -1.44 -4.71 43.14
CA SER C 50 -0.39 -5.54 42.55
C SER C 50 -1.09 -6.67 41.82
N CYS C 51 -0.40 -7.35 40.93
CA CYS C 51 -1.08 -8.37 40.16
C CYS C 51 -1.11 -9.66 40.99
N PRO C 52 -2.09 -10.52 40.71
CA PRO C 52 -2.22 -11.84 41.33
C PRO C 52 -1.20 -12.82 40.78
N PRO C 53 -0.91 -13.91 41.50
CA PRO C 53 0.03 -14.88 40.96
C PRO C 53 -0.44 -15.41 39.61
N GLY C 54 0.50 -15.70 38.71
CA GLY C 54 0.16 -16.09 37.37
C GLY C 54 0.38 -14.87 36.49
N TYR C 55 0.57 -13.74 37.15
CA TYR C 55 0.90 -12.49 36.48
C TYR C 55 2.30 -11.96 36.71
N PHE C 56 2.47 -10.72 36.24
CA PHE C 56 3.56 -9.90 36.70
C PHE C 56 3.21 -8.45 36.41
N ASP C 57 3.74 -7.60 37.27
CA ASP C 57 3.43 -6.20 37.27
C ASP C 57 4.29 -5.44 36.26
N ALA C 58 3.64 -4.81 35.29
CA ALA C 58 4.34 -4.05 34.27
C ALA C 58 3.87 -2.60 34.27
N ARG C 59 4.79 -1.68 34.54
CA ARG C 59 4.45 -0.26 34.62
C ARG C 59 4.85 0.50 33.36
N ASN C 60 4.07 1.52 33.03
CA ASN C 60 4.41 2.43 31.94
C ASN C 60 3.86 3.83 32.24
N PRO C 61 4.41 4.87 31.59
CA PRO C 61 3.95 6.25 31.85
C PRO C 61 2.56 6.50 31.30
N ASP C 62 2.15 5.60 30.42
CA ASP C 62 0.82 5.62 29.86
C ASP C 62 -0.08 4.75 30.71
N MET C 63 0.32 3.50 30.91
CA MET C 63 -0.51 2.57 31.65
C MET C 63 0.27 1.41 32.28
N ASN C 64 -0.09 1.06 33.51
CA ASN C 64 0.41 -0.11 34.19
C ASN C 64 -0.60 -1.27 34.11
N LYS C 65 -0.17 -2.44 33.65
CA LYS C 65 -1.09 -3.57 33.47
C LYS C 65 -0.57 -4.89 34.03
N CYS C 66 -1.49 -5.67 34.58
CA CYS C 66 -1.19 -7.04 35.02
C CYS C 66 -1.16 -7.96 33.80
N ILE C 67 -0.05 -8.68 33.64
CA ILE C 67 0.20 -9.48 32.44
C ILE C 67 0.41 -10.96 32.73
N LYS C 68 -0.25 -11.83 31.99
CA LYS C 68 -0.14 -13.27 32.20
C LYS C 68 1.24 -13.79 31.84
N CYS C 69 1.73 -14.76 32.59
CA CYS C 69 3.07 -15.26 32.33
C CYS C 69 3.02 -16.41 31.33
N LYS C 70 3.39 -16.09 30.09
CA LYS C 70 3.39 -17.04 28.98
C LYS C 70 4.61 -17.93 29.08
N ILE C 71 4.59 -18.83 30.05
CA ILE C 71 5.75 -19.66 30.32
C ILE C 71 5.45 -21.15 30.40
N GLU C 72 6.50 -21.95 30.30
CA GLU C 72 6.37 -23.37 30.51
C GLU C 72 6.52 -23.66 32.01
N HIS C 73 5.48 -24.26 32.58
CA HIS C 73 5.47 -24.83 33.93
C HIS C 73 5.75 -23.91 35.13
N CYS C 74 5.41 -22.63 35.04
CA CYS C 74 5.65 -21.71 36.16
C CYS C 74 4.37 -21.05 36.69
N GLU C 75 4.31 -20.85 38.01
CA GLU C 75 3.11 -20.32 38.66
C GLU C 75 3.11 -18.80 38.78
N ALA C 76 4.27 -18.22 39.11
CA ALA C 76 4.37 -16.77 39.24
C ALA C 76 5.73 -16.30 38.75
N CYS C 77 5.78 -15.09 38.21
CA CYS C 77 7.00 -14.61 37.58
C CYS C 77 7.22 -13.13 37.80
N PHE C 78 8.37 -12.66 37.35
CA PHE C 78 8.71 -11.25 37.43
C PHE C 78 8.29 -10.55 36.15
N SER C 79 8.74 -11.10 35.03
CA SER C 79 8.35 -10.62 33.72
C SER C 79 8.10 -11.81 32.78
N HIS C 80 8.39 -11.59 31.51
CA HIS C 80 8.44 -12.65 30.52
C HIS C 80 9.66 -13.51 30.78
N ASN C 81 9.82 -14.59 30.02
CA ASN C 81 10.95 -15.56 30.11
C ASN C 81 11.68 -15.72 31.45
N PHE C 82 11.19 -15.10 32.51
CA PHE C 82 11.79 -15.23 33.83
C PHE C 82 10.70 -15.55 34.84
N CYS C 83 10.80 -16.73 35.45
CA CYS C 83 9.81 -17.15 36.44
C CYS C 83 10.34 -16.92 37.85
N THR C 84 9.44 -16.50 38.74
CA THR C 84 9.81 -16.23 40.12
C THR C 84 9.54 -17.47 40.96
N LYS C 85 8.46 -18.18 40.63
CA LYS C 85 8.16 -19.45 41.27
C LYS C 85 7.66 -20.45 40.24
N CYS C 86 8.27 -21.64 40.23
CA CYS C 86 7.94 -22.68 39.27
C CYS C 86 7.03 -23.71 39.95
N LYS C 87 6.43 -24.60 39.17
CA LYS C 87 5.58 -25.64 39.74
C LYS C 87 6.40 -26.88 40.09
N GLU C 88 5.89 -27.67 41.03
CA GLU C 88 6.64 -28.78 41.63
C GLU C 88 7.14 -29.82 40.63
N GLY C 89 8.18 -30.55 41.03
CA GLY C 89 8.72 -31.65 40.24
C GLY C 89 9.69 -31.23 39.17
N LEU C 90 9.84 -29.92 38.97
CA LEU C 90 10.75 -29.37 37.96
C LEU C 90 11.73 -28.41 38.62
N TYR C 91 12.96 -28.27 38.16
CA TYR C 91 13.88 -27.37 38.89
C TYR C 91 13.87 -25.96 38.35
N LEU C 92 14.16 -25.00 39.22
CA LEU C 92 14.20 -23.57 38.89
C LEU C 92 15.62 -23.07 38.70
N HIS C 93 15.96 -22.71 37.46
CA HIS C 93 17.26 -22.08 37.21
C HIS C 93 17.20 -20.74 36.46
N LYS C 94 17.78 -19.71 37.08
CA LYS C 94 17.91 -18.34 36.54
C LYS C 94 16.68 -17.94 35.72
N GLY C 95 15.55 -17.94 36.42
CA GLY C 95 14.27 -17.55 35.85
C GLY C 95 13.59 -18.58 34.97
N ARG C 96 14.24 -19.71 34.72
CA ARG C 96 13.65 -20.74 33.86
C ARG C 96 13.50 -22.08 34.61
N CYS C 97 12.75 -23.01 34.03
CA CYS C 97 12.36 -24.25 34.71
C CYS C 97 12.79 -25.50 33.93
N TYR C 98 13.44 -26.44 34.61
CA TYR C 98 13.87 -27.68 33.97
C TYR C 98 13.79 -28.86 34.93
N PRO C 99 13.75 -30.09 34.40
CA PRO C 99 13.88 -31.23 35.31
C PRO C 99 15.33 -31.47 35.70
N ALA C 100 16.25 -31.04 34.83
CA ALA C 100 17.67 -31.17 35.11
C ALA C 100 18.12 -29.93 35.85
N CYS C 101 19.20 -29.30 35.34
CA CYS C 101 19.72 -27.94 35.64
C CYS C 101 21.23 -27.89 35.95
N PRO C 102 22.09 -28.16 34.93
CA PRO C 102 23.56 -28.28 34.77
C PRO C 102 24.53 -28.08 35.98
N GLU C 103 25.87 -28.25 35.98
CA GLU C 103 26.87 -28.87 35.06
C GLU C 103 27.96 -27.81 34.88
N GLY C 104 27.71 -26.66 35.50
CA GLY C 104 28.75 -25.68 35.76
C GLY C 104 29.05 -25.75 37.25
N SER C 105 27.97 -25.77 38.04
CA SER C 105 27.94 -26.11 39.48
C SER C 105 26.64 -25.61 40.10
N SER C 106 25.55 -26.36 39.95
CA SER C 106 24.27 -25.94 40.49
C SER C 106 23.84 -26.76 41.69
N ALA C 107 23.31 -27.95 41.43
CA ALA C 107 22.86 -28.90 42.46
C ALA C 107 21.64 -28.39 43.21
N ALA C 108 20.81 -29.33 43.67
CA ALA C 108 19.57 -28.96 44.35
C ALA C 108 19.53 -29.58 45.74
N ASN C 109 19.44 -28.69 46.72
CA ASN C 109 19.36 -29.05 48.13
C ASN C 109 17.98 -29.53 48.54
N GLY C 110 17.69 -29.40 49.84
CA GLY C 110 16.38 -29.77 50.33
C GLY C 110 15.25 -28.89 49.78
N THR C 111 15.59 -27.81 49.11
CA THR C 111 14.53 -27.07 48.47
C THR C 111 14.71 -27.09 46.96
N MET C 112 14.17 -26.06 46.35
CA MET C 112 13.86 -26.11 44.95
C MET C 112 14.40 -24.88 44.18
N GLU C 113 15.72 -24.70 44.19
CA GLU C 113 16.31 -23.49 43.59
C GLU C 113 17.73 -23.69 43.07
N CYS C 114 18.01 -24.83 42.43
CA CYS C 114 19.32 -25.16 41.82
C CYS C 114 20.31 -24.00 41.65
N CYS D 12 -14.75 -23.82 -34.02
CA CYS D 12 -15.03 -22.76 -33.06
C CYS D 12 -16.00 -21.72 -33.61
N ALA D 13 -15.67 -21.22 -34.79
CA ALA D 13 -16.48 -20.27 -35.55
C ALA D 13 -15.67 -19.86 -36.77
N LYS D 14 -16.34 -19.40 -37.82
CA LYS D 14 -15.63 -18.90 -39.00
C LYS D 14 -14.81 -17.67 -38.63
N GLY D 15 -13.54 -17.68 -38.99
CA GLY D 15 -12.63 -16.59 -38.67
C GLY D 15 -12.52 -16.29 -37.19
N CYS D 16 -12.46 -17.34 -36.38
CA CYS D 16 -12.27 -17.21 -34.93
C CYS D 16 -11.21 -18.22 -34.49
N GLU D 17 -10.32 -17.80 -33.62
CA GLU D 17 -9.21 -18.67 -33.23
C GLU D 17 -9.49 -19.40 -31.92
N LEU D 18 -10.03 -18.68 -30.95
CA LEU D 18 -10.29 -19.29 -29.64
C LEU D 18 -11.74 -19.13 -29.22
N CYS D 19 -12.34 -20.26 -28.85
CA CYS D 19 -13.76 -20.31 -28.55
C CYS D 19 -13.99 -21.02 -27.22
N SER D 20 -14.82 -20.41 -26.38
CA SER D 20 -15.27 -21.07 -25.16
C SER D 20 -16.77 -21.28 -25.24
N GLU D 21 -17.24 -22.41 -24.71
CA GLU D 21 -18.67 -22.70 -24.70
C GLU D 21 -19.41 -21.70 -23.83
N VAL D 22 -18.66 -21.01 -22.97
CA VAL D 22 -19.26 -20.01 -22.12
C VAL D 22 -19.19 -18.61 -22.74
N ASN D 23 -18.09 -18.27 -23.42
CA ASN D 23 -17.92 -16.90 -23.89
C ASN D 23 -18.15 -16.72 -25.39
N GLY D 24 -18.21 -17.81 -26.13
CA GLY D 24 -18.22 -17.71 -27.57
C GLY D 24 -16.80 -17.44 -28.02
N CYS D 25 -16.62 -16.48 -28.92
CA CYS D 25 -15.29 -16.14 -29.43
C CYS D 25 -14.44 -15.36 -28.42
N LEU D 26 -13.20 -15.80 -28.24
CA LEU D 26 -12.25 -15.15 -27.34
C LEU D 26 -11.18 -14.34 -28.07
N LYS D 27 -10.85 -14.77 -29.28
CA LYS D 27 -9.80 -14.11 -30.06
C LYS D 27 -10.16 -14.17 -31.55
N CYS D 28 -9.64 -13.22 -32.33
CA CYS D 28 -9.93 -13.18 -33.75
C CYS D 28 -8.79 -13.59 -34.64
N SER D 29 -9.17 -14.01 -35.85
CA SER D 29 -8.25 -14.25 -36.94
C SER D 29 -7.47 -12.93 -37.15
N PRO D 30 -6.23 -12.98 -37.68
CA PRO D 30 -5.26 -11.88 -37.59
C PRO D 30 -5.79 -10.45 -37.66
N LYS D 31 -6.71 -10.19 -38.57
CA LYS D 31 -7.05 -8.83 -38.98
C LYS D 31 -8.54 -8.51 -38.85
N LEU D 32 -9.21 -9.21 -37.93
CA LEU D 32 -10.64 -8.99 -37.67
C LEU D 32 -10.97 -8.40 -36.31
N PHE D 33 -12.25 -8.10 -36.12
CA PHE D 33 -12.71 -7.40 -34.92
C PHE D 33 -13.63 -8.23 -34.03
N ILE D 34 -13.38 -8.16 -32.73
CA ILE D 34 -14.23 -8.86 -31.78
C ILE D 34 -15.44 -8.02 -31.45
N LEU D 35 -16.60 -8.66 -31.43
CA LEU D 35 -17.82 -7.98 -31.01
C LEU D 35 -18.39 -8.67 -29.78
N LEU D 36 -18.53 -7.87 -28.73
CA LEU D 36 -19.11 -8.29 -27.48
C LEU D 36 -20.59 -8.00 -27.42
N GLU D 37 -21.26 -8.68 -26.52
CA GLU D 37 -22.57 -8.27 -26.08
C GLU D 37 -22.83 -8.86 -24.69
N ARG D 38 -23.24 -8.03 -23.73
CA ARG D 38 -23.55 -8.53 -22.39
C ARG D 38 -25.04 -8.86 -22.33
N ASN D 39 -25.37 -10.15 -22.44
CA ASN D 39 -26.75 -10.63 -22.40
C ASN D 39 -27.13 -11.21 -21.05
N ASP D 40 -27.98 -10.51 -20.30
CA ASP D 40 -28.43 -10.95 -18.99
C ASP D 40 -27.21 -11.29 -18.12
N ILE D 41 -26.35 -10.29 -17.97
CA ILE D 41 -25.15 -10.39 -17.14
C ILE D 41 -24.29 -11.56 -17.66
N ARG D 42 -24.33 -11.75 -18.98
CA ARG D 42 -23.42 -12.68 -19.65
C ARG D 42 -22.92 -12.08 -20.96
N GLN D 43 -21.63 -12.17 -21.24
CA GLN D 43 -21.08 -11.60 -22.48
C GLN D 43 -20.76 -12.68 -23.50
N VAL D 44 -20.95 -12.36 -24.78
CA VAL D 44 -20.63 -13.32 -25.83
C VAL D 44 -19.85 -12.63 -26.94
N GLY D 45 -18.91 -13.34 -27.54
CA GLY D 45 -18.05 -12.77 -28.54
C GLY D 45 -18.24 -13.35 -29.93
N VAL D 46 -18.24 -12.47 -30.92
CA VAL D 46 -18.30 -12.88 -32.31
C VAL D 46 -17.24 -12.07 -33.06
N CYS D 47 -16.80 -12.57 -34.21
CA CYS D 47 -15.74 -11.92 -34.99
C CYS D 47 -16.25 -11.37 -36.30
N LEU D 48 -15.91 -10.12 -36.58
CA LEU D 48 -16.44 -9.36 -37.70
C LEU D 48 -15.35 -8.66 -38.51
N PRO D 49 -15.47 -8.68 -39.85
CA PRO D 49 -14.53 -7.96 -40.72
C PRO D 49 -14.58 -6.47 -40.44
N SER D 50 -15.74 -6.03 -39.96
CA SER D 50 -16.03 -4.67 -39.51
C SER D 50 -17.27 -4.69 -38.60
N CYS D 51 -17.51 -3.59 -37.89
CA CYS D 51 -18.61 -3.52 -36.93
C CYS D 51 -19.94 -3.13 -37.56
N PRO D 52 -21.03 -3.43 -36.86
CA PRO D 52 -22.39 -2.96 -37.13
C PRO D 52 -22.59 -1.53 -36.61
N PRO D 53 -23.66 -0.85 -37.04
CA PRO D 53 -23.93 0.54 -36.61
C PRO D 53 -24.08 0.74 -35.13
N GLY D 54 -23.64 1.91 -34.69
CA GLY D 54 -23.62 2.30 -33.30
C GLY D 54 -22.24 2.25 -32.67
N TYR D 55 -21.25 1.63 -33.33
CA TYR D 55 -19.92 1.56 -32.73
C TYR D 55 -18.84 2.36 -33.44
N PHE D 56 -17.60 1.93 -33.27
CA PHE D 56 -16.53 2.27 -34.21
C PHE D 56 -15.37 1.31 -34.03
N ASP D 57 -14.67 1.14 -35.12
CA ASP D 57 -13.63 0.16 -35.30
C ASP D 57 -12.29 0.61 -34.69
N ALA D 58 -11.79 -0.16 -33.73
CA ALA D 58 -10.53 0.16 -33.07
C ALA D 58 -9.49 -0.97 -33.16
N ARG D 59 -8.36 -0.68 -33.79
CA ARG D 59 -7.29 -1.68 -33.95
C ARG D 59 -6.15 -1.53 -32.95
N ASN D 60 -5.59 -2.68 -32.56
CA ASN D 60 -4.39 -2.76 -31.74
C ASN D 60 -3.65 -4.06 -32.08
N PRO D 61 -2.34 -4.12 -31.81
CA PRO D 61 -1.62 -5.35 -32.14
C PRO D 61 -1.99 -6.49 -31.20
N ASP D 62 -2.65 -6.15 -30.09
CA ASP D 62 -3.11 -7.14 -29.13
C ASP D 62 -4.51 -7.61 -29.47
N MET D 63 -5.43 -6.66 -29.58
CA MET D 63 -6.83 -6.97 -29.88
C MET D 63 -7.49 -5.89 -30.71
N ASN D 64 -8.24 -6.30 -31.73
CA ASN D 64 -9.10 -5.39 -32.46
C ASN D 64 -10.54 -5.58 -31.98
N LYS D 65 -11.17 -4.50 -31.52
CA LYS D 65 -12.50 -4.60 -30.92
C LYS D 65 -13.47 -3.54 -31.45
N CYS D 66 -14.72 -3.96 -31.68
CA CYS D 66 -15.79 -3.03 -32.02
C CYS D 66 -16.25 -2.39 -30.71
N ILE D 67 -16.21 -1.07 -30.61
CA ILE D 67 -16.42 -0.43 -29.31
C ILE D 67 -17.66 0.46 -29.29
N LYS D 68 -18.43 0.37 -28.20
CA LYS D 68 -19.67 1.14 -28.17
C LYS D 68 -19.39 2.62 -28.12
N CYS D 69 -20.18 3.37 -28.88
CA CYS D 69 -19.87 4.77 -29.08
C CYS D 69 -20.42 5.57 -27.93
N LYS D 70 -19.51 6.01 -27.06
CA LYS D 70 -19.92 6.79 -25.91
C LYS D 70 -20.17 8.25 -26.31
N ILE D 71 -21.23 8.46 -27.08
CA ILE D 71 -21.63 9.81 -27.51
C ILE D 71 -23.12 10.00 -27.29
N GLU D 72 -23.53 11.24 -27.01
CA GLU D 72 -24.93 11.56 -26.78
C GLU D 72 -25.62 11.75 -28.12
N HIS D 73 -26.72 11.02 -28.33
CA HIS D 73 -27.58 11.23 -29.48
C HIS D 73 -26.85 11.00 -30.80
N CYS D 74 -25.98 9.99 -30.82
CA CYS D 74 -25.24 9.64 -32.02
C CYS D 74 -25.55 8.22 -32.49
N GLU D 75 -25.67 8.05 -33.81
CA GLU D 75 -26.02 6.76 -34.40
C GLU D 75 -24.80 5.94 -34.80
N ALA D 76 -23.81 6.61 -35.40
CA ALA D 76 -22.57 5.96 -35.84
C ALA D 76 -21.41 6.94 -35.74
N CYS D 77 -20.20 6.42 -35.54
CA CYS D 77 -19.05 7.28 -35.26
C CYS D 77 -17.76 6.81 -35.94
N PHE D 78 -16.73 7.65 -35.86
CA PHE D 78 -15.39 7.29 -36.35
C PHE D 78 -14.48 6.74 -35.26
N SER D 79 -14.26 7.57 -34.25
CA SER D 79 -13.51 7.19 -33.07
C SER D 79 -14.39 7.69 -31.95
N HIS D 80 -13.85 7.96 -30.76
CA HIS D 80 -14.74 8.65 -29.84
C HIS D 80 -14.72 10.15 -30.14
N ASN D 81 -15.55 10.86 -29.37
CA ASN D 81 -15.77 12.31 -29.34
C ASN D 81 -15.96 12.90 -30.72
N PHE D 82 -16.11 11.99 -31.68
CA PHE D 82 -16.39 12.35 -33.04
C PHE D 82 -17.50 11.44 -33.57
N CYS D 83 -18.61 12.05 -33.97
CA CYS D 83 -19.76 11.32 -34.48
C CYS D 83 -19.75 11.36 -36.00
N THR D 84 -20.11 10.25 -36.63
CA THR D 84 -20.11 10.17 -38.09
C THR D 84 -21.51 10.46 -38.65
N LYS D 85 -22.54 9.99 -37.95
CA LYS D 85 -23.92 10.33 -38.25
C LYS D 85 -24.68 10.55 -36.96
N CYS D 86 -25.37 11.67 -36.86
CA CYS D 86 -26.07 12.03 -35.63
C CYS D 86 -27.53 11.59 -35.75
N LYS D 87 -28.25 11.66 -34.64
CA LYS D 87 -29.65 11.24 -34.66
C LYS D 87 -30.54 12.42 -35.05
N GLU D 88 -31.68 12.11 -35.64
CA GLU D 88 -32.54 13.12 -36.28
C GLU D 88 -33.01 14.19 -35.29
N GLY D 89 -33.32 15.37 -35.83
CA GLY D 89 -33.77 16.48 -35.02
C GLY D 89 -32.55 17.17 -34.45
N LEU D 90 -31.41 16.52 -34.60
CA LEU D 90 -30.14 17.06 -34.16
C LEU D 90 -29.15 17.15 -35.30
N TYR D 91 -28.44 18.26 -35.31
CA TYR D 91 -27.47 18.50 -36.35
C TYR D 91 -26.04 18.15 -35.88
N LEU D 92 -25.16 17.75 -36.82
CA LEU D 92 -23.77 17.39 -36.56
C LEU D 92 -22.71 18.47 -36.90
N HIS D 93 -22.12 19.14 -35.91
CA HIS D 93 -21.08 20.10 -36.28
C HIS D 93 -19.72 19.57 -35.88
N LYS D 94 -18.91 19.32 -36.90
CA LYS D 94 -17.55 18.80 -36.75
C LYS D 94 -17.48 17.65 -35.74
N GLY D 95 -18.20 16.57 -36.05
CA GLY D 95 -18.19 15.37 -35.24
C GLY D 95 -19.01 15.43 -33.96
N ARG D 96 -19.61 16.58 -33.69
CA ARG D 96 -20.43 16.74 -32.48
C ARG D 96 -21.85 17.12 -32.89
N CYS D 97 -22.79 17.05 -31.95
CA CYS D 97 -24.19 17.18 -32.28
C CYS D 97 -24.92 18.30 -31.51
N TYR D 98 -25.57 19.22 -32.23
CA TYR D 98 -26.30 20.33 -31.61
C TYR D 98 -27.56 20.74 -32.39
N PRO D 99 -28.50 21.42 -31.72
CA PRO D 99 -29.67 22.02 -32.38
C PRO D 99 -29.38 23.40 -33.02
N ALA D 100 -28.38 24.12 -32.53
CA ALA D 100 -28.02 25.45 -33.04
C ALA D 100 -27.01 25.35 -34.20
N CYS D 101 -25.74 25.56 -33.87
CA CYS D 101 -24.52 25.18 -34.62
C CYS D 101 -23.78 26.37 -35.26
N PRO D 102 -23.43 27.40 -34.45
CA PRO D 102 -22.88 28.75 -34.71
C PRO D 102 -22.96 29.33 -36.15
N GLU D 103 -22.65 30.60 -36.44
CA GLU D 103 -22.30 31.82 -35.64
C GLU D 103 -20.79 31.95 -35.53
N GLY D 104 -20.11 31.10 -36.28
CA GLY D 104 -18.75 31.40 -36.71
C GLY D 104 -19.08 31.68 -38.15
N SER D 105 -19.96 30.79 -38.66
CA SER D 105 -20.76 30.86 -39.89
C SER D 105 -20.87 29.45 -40.48
N SER D 106 -21.94 28.75 -40.13
CA SER D 106 -22.14 27.37 -40.58
C SER D 106 -23.26 27.21 -41.62
N ALA D 107 -24.51 27.23 -41.14
CA ALA D 107 -25.73 27.11 -41.95
C ALA D 107 -25.92 25.71 -42.56
N ALA D 108 -27.17 25.26 -42.64
CA ALA D 108 -27.50 23.88 -43.02
C ALA D 108 -28.41 23.80 -44.24
N ASN D 109 -28.02 23.01 -45.24
CA ASN D 109 -28.79 22.87 -46.48
C ASN D 109 -30.06 22.03 -46.32
N GLY D 110 -30.55 21.45 -47.42
CA GLY D 110 -31.72 20.59 -47.41
C GLY D 110 -31.56 19.31 -46.61
N THR D 111 -30.35 19.05 -46.15
CA THR D 111 -30.06 17.94 -45.26
C THR D 111 -29.67 18.57 -43.93
N MET D 112 -29.00 17.81 -43.07
CA MET D 112 -28.65 18.27 -41.73
C MET D 112 -27.14 18.15 -41.63
N GLU D 113 -26.44 19.02 -42.37
CA GLU D 113 -24.99 18.91 -42.53
C GLU D 113 -24.28 20.28 -42.65
N CYS D 114 -24.70 21.28 -41.85
CA CYS D 114 -24.06 22.63 -41.73
C CYS D 114 -22.61 22.69 -42.18
N SER D 115 -22.26 23.77 -42.87
CA SER D 115 -20.87 24.00 -43.24
C SER D 115 -20.29 25.18 -42.46
C1 NAG E . -5.43 24.58 -49.82
C2 NAG E . -5.03 24.02 -51.21
C3 NAG E . -6.13 24.31 -52.25
C4 NAG E . -7.44 23.73 -51.72
C5 NAG E . -7.79 24.40 -50.41
C6 NAG E . -9.08 23.88 -49.83
C7 NAG E . -2.75 25.12 -51.02
C8 NAG E . -1.51 25.43 -51.81
N2 NAG E . -3.73 24.49 -51.70
O3 NAG E . -5.78 23.72 -53.49
O4 NAG E . -8.56 23.68 -52.59
O5 NAG E . -6.76 24.08 -49.46
O6 NAG E . -9.42 22.63 -50.42
O7 NAG E . -2.84 25.41 -49.83
C1 NAG E . -9.15 24.61 -53.56
C2 NAG E . -9.56 26.05 -53.32
C3 NAG E . -10.67 26.42 -54.30
C4 NAG E . -10.51 25.80 -55.71
C5 NAG E . -9.68 24.50 -55.74
C6 NAG E . -9.01 24.25 -57.08
C7 NAG E . -9.43 27.17 -51.14
C8 NAG E . -10.03 27.29 -49.78
N2 NAG E . -9.99 26.27 -51.96
O3 NAG E . -10.76 27.84 -54.40
O4 NAG E . -11.82 25.51 -56.20
O5 NAG E . -8.63 24.49 -54.77
O6 NAG E . -8.64 22.88 -57.20
O7 NAG E . -8.47 27.86 -51.49
C1 BMA E . -12.15 25.90 -57.56
C2 BMA E . -11.98 24.65 -58.51
C3 BMA E . -13.08 24.49 -59.51
C4 BMA E . -14.38 24.61 -58.81
C5 BMA E . -14.56 26.09 -58.47
C6 BMA E . -15.86 26.35 -57.72
O2 BMA E . -12.02 23.45 -57.73
O3 BMA E . -13.00 23.23 -60.17
O4 BMA E . -15.43 24.18 -59.66
O5 BMA E . -13.44 26.60 -57.63
O6 BMA E . -15.79 27.65 -57.15
C1 NAG F . -5.21 -6.16 73.44
C2 NAG F . -6.64 -6.18 74.00
C3 NAG F . -6.65 -5.67 75.44
C4 NAG F . -5.64 -6.44 76.28
C5 NAG F . -4.27 -6.42 75.62
C6 NAG F . -3.25 -7.27 76.35
C7 NAG F . -8.26 -5.93 72.16
C8 NAG F . -9.14 -4.99 71.41
N2 NAG F . -7.54 -5.41 73.16
O3 NAG F . -7.96 -5.80 75.98
O4 NAG F . -5.55 -5.85 77.57
O5 NAG F . -4.36 -6.94 74.29
O6 NAG F . -1.95 -7.09 75.83
O7 NAG F . -8.19 -7.13 71.88
C1 NAG G . -5.31 9.54 56.62
C2 NAG G . -6.61 9.46 57.43
C3 NAG G . -6.70 10.63 58.42
C4 NAG G . -5.43 10.74 59.25
C5 NAG G . -4.23 10.84 58.33
C6 NAG G . -2.91 10.89 59.07
C7 NAG G . -8.39 8.33 56.17
C8 NAG G . -9.58 8.52 55.27
N2 NAG G . -7.78 9.45 56.56
O3 NAG G . -7.82 10.43 59.28
O4 NAG G . -5.49 11.89 60.08
O5 NAG G . -4.19 9.66 57.50
O6 NAG G . -1.81 11.01 58.17
O7 NAG G . -8.00 7.23 56.50
C1 NAG H . 32.53 -7.84 43.92
C2 NAG H . 33.41 -9.04 43.53
C3 NAG H . 34.72 -9.06 44.33
C4 NAG H . 35.40 -7.69 44.29
C5 NAG H . 34.41 -6.60 44.68
C6 NAG H . 34.99 -5.21 44.59
C7 NAG H . 32.27 -10.79 44.86
C8 NAG H . 31.56 -12.11 44.80
N2 NAG H . 32.70 -10.30 43.68
O3 NAG H . 35.59 -10.05 43.81
O4 NAG H . 36.51 -7.67 45.18
O5 NAG H . 33.29 -6.64 43.79
O6 NAG H . 34.52 -4.53 43.44
O7 NAG H . 32.45 -10.20 45.92
C1 NAG I . -9.05 -17.10 -53.62
C2 NAG I . -8.18 -18.23 -53.01
C3 NAG I . -7.02 -18.61 -53.93
C4 NAG I . -7.53 -18.90 -55.34
C5 NAG I . -8.30 -17.69 -55.84
C6 NAG I . -8.86 -17.87 -57.24
C7 NAG I . -8.07 -18.32 -50.55
C8 NAG I . -7.41 -17.76 -49.32
N2 NAG I . -7.65 -17.81 -51.70
O3 NAG I . -6.37 -19.76 -53.42
O4 NAG I . -6.44 -19.18 -56.22
O5 NAG I . -9.41 -17.47 -54.97
O6 NAG I . -8.45 -16.81 -58.08
O7 NAG I . -8.93 -19.18 -50.48
#